data_1RO7
#
_entry.id   1RO7
#
_cell.length_a   83.660
_cell.length_b   66.031
_cell.length_c   99.172
_cell.angle_alpha   90.00
_cell.angle_beta   94.42
_cell.angle_gamma   90.00
#
_symmetry.space_group_name_H-M   'P 1 21 1'
#
loop_
_entity.id
_entity.type
_entity.pdbx_description
1 polymer alpha-2,3/8-sialyltransferase
2 non-polymer (4S)-2-METHYL-2,4-PENTANEDIOL
3 non-polymer "CYTIDINE-5'-MONOPHOSPHATE-3-FLUORO-N-ACETYL-NEURAMINIC ACID"
4 water water
#
_entity_poly.entity_id   1
_entity_poly.type   'polypeptide(L)'
_entity_poly.pdbx_seq_one_letter_code
;(MSE)KKVIIAGNGPSLKEIDYSRLPNDFDVFRCNQFYFEDKYYLGKKCKAVFYNPSLFFEQYYTLKHLIQNQEYETELI
(MSE)CSNYNQAHLENENFVKTFYDYFPDAHLGYDFFKQLKDFNAYFKFHEIYFNQRITSGVY(MSE)CAVAIALGYKEI
YLSGIDFYQNGSSYAFDTKQKNLLKLAPNFKNDNSHYIGHSKNTDIKALEFLEKTYKIKLYCLCPNSLLANFIELAPNLN
SNFIIQEKNNYTKDILIPSSEAYGKFSKNIN
;
_entity_poly.pdbx_strand_id   A,B,C,D
#
loop_
_chem_comp.id
_chem_comp.type
_chem_comp.name
_chem_comp.formula
CSF RNA linking 'CYTIDINE-5'-MONOPHOSPHATE-3-FLUORO-N-ACETYL-NEURAMINIC ACID' 'C20 H30 F N4 O16 P'
MPD non-polymer (4S)-2-METHYL-2,4-PENTANEDIOL 'C6 H14 O2'
#
# COMPACT_ATOMS: atom_id res chain seq x y z
N MSE A 1 -7.43 -29.34 -13.94
CA MSE A 1 -8.00 -29.15 -12.57
C MSE A 1 -8.76 -30.39 -12.10
O MSE A 1 -9.85 -30.68 -12.59
CB MSE A 1 -8.95 -27.95 -12.56
CG MSE A 1 -8.25 -26.60 -12.66
SE MSE A 1 -7.13 -26.23 -11.13
CE MSE A 1 -5.45 -26.91 -11.79
N LYS A 2 -8.18 -31.10 -11.15
CA LYS A 2 -8.80 -32.30 -10.61
C LYS A 2 -10.16 -31.93 -10.02
N LYS A 3 -10.94 -32.93 -9.64
CA LYS A 3 -12.23 -32.69 -9.02
C LYS A 3 -11.90 -32.37 -7.57
N VAL A 4 -12.86 -31.84 -6.83
CA VAL A 4 -12.59 -31.50 -5.43
C VAL A 4 -13.74 -31.83 -4.49
N ILE A 5 -13.40 -32.49 -3.39
CA ILE A 5 -14.39 -32.83 -2.38
C ILE A 5 -14.27 -31.81 -1.25
N ILE A 6 -15.32 -30.99 -1.09
CA ILE A 6 -15.33 -29.99 -0.05
C ILE A 6 -16.17 -30.54 1.09
N ALA A 7 -15.56 -30.66 2.26
CA ALA A 7 -16.25 -31.25 3.40
C ALA A 7 -16.41 -30.39 4.64
N GLY A 8 -17.64 -30.26 5.09
CA GLY A 8 -17.93 -29.53 6.31
C GLY A 8 -17.75 -30.60 7.36
N ASN A 9 -18.13 -30.34 8.60
CA ASN A 9 -17.96 -31.34 9.63
C ASN A 9 -19.26 -31.82 10.26
N GLY A 10 -20.35 -31.64 9.52
CA GLY A 10 -21.64 -32.09 10.00
C GLY A 10 -21.70 -33.60 10.08
N PRO A 11 -22.73 -34.17 10.72
CA PRO A 11 -22.85 -35.63 10.86
C PRO A 11 -22.89 -36.41 9.55
N SER A 12 -23.17 -35.74 8.43
CA SER A 12 -23.23 -36.41 7.14
C SER A 12 -21.86 -36.82 6.63
N LEU A 13 -20.82 -36.31 7.27
CA LEU A 13 -19.45 -36.65 6.89
C LEU A 13 -19.21 -38.13 7.17
N LYS A 14 -19.90 -38.67 8.16
CA LYS A 14 -19.78 -40.08 8.55
C LYS A 14 -20.73 -40.97 7.76
N GLU A 15 -21.48 -40.39 6.84
CA GLU A 15 -22.43 -41.15 6.04
C GLU A 15 -22.27 -40.89 4.55
N ILE A 16 -21.03 -40.94 4.08
CA ILE A 16 -20.75 -40.72 2.67
C ILE A 16 -21.00 -42.00 1.89
N ASP A 17 -21.72 -41.89 0.78
CA ASP A 17 -21.97 -43.06 -0.06
C ASP A 17 -20.73 -43.17 -0.95
N TYR A 18 -19.75 -43.92 -0.49
CA TYR A 18 -18.49 -44.07 -1.22
C TYR A 18 -18.61 -44.68 -2.62
N SER A 19 -19.81 -45.10 -3.00
CA SER A 19 -20.02 -45.68 -4.31
C SER A 19 -20.07 -44.56 -5.35
N ARG A 20 -20.30 -43.34 -4.86
CA ARG A 20 -20.38 -42.17 -5.72
C ARG A 20 -19.09 -41.36 -5.66
N LEU A 21 -18.16 -41.80 -4.82
CA LEU A 21 -16.88 -41.11 -4.66
C LEU A 21 -16.12 -41.03 -5.98
N PRO A 22 -15.83 -39.80 -6.44
CA PRO A 22 -15.10 -39.60 -7.69
C PRO A 22 -13.72 -40.24 -7.70
N ASN A 23 -13.06 -40.22 -8.85
CA ASN A 23 -11.75 -40.83 -9.00
C ASN A 23 -10.62 -39.91 -8.54
N ASP A 24 -10.08 -39.13 -9.47
CA ASP A 24 -9.00 -38.21 -9.17
C ASP A 24 -9.60 -36.94 -8.55
N PHE A 25 -9.33 -36.72 -7.28
CA PHE A 25 -9.89 -35.55 -6.61
C PHE A 25 -9.03 -34.97 -5.50
N ASP A 26 -9.25 -33.68 -5.22
CA ASP A 26 -8.54 -33.00 -4.15
C ASP A 26 -9.53 -32.88 -3.00
N VAL A 27 -9.02 -32.63 -1.80
CA VAL A 27 -9.87 -32.52 -0.64
C VAL A 27 -9.66 -31.21 0.11
N PHE A 28 -10.77 -30.54 0.46
CA PHE A 28 -10.74 -29.30 1.22
C PHE A 28 -11.39 -29.60 2.58
N ARG A 29 -10.65 -29.35 3.66
CA ARG A 29 -11.20 -29.59 4.99
C ARG A 29 -11.20 -28.26 5.74
N CYS A 30 -11.95 -28.19 6.83
CA CYS A 30 -12.01 -26.95 7.59
C CYS A 30 -12.09 -27.17 9.09
N ASN A 31 -11.71 -26.13 9.81
CA ASN A 31 -11.77 -26.09 11.25
C ASN A 31 -11.37 -27.36 12.02
N GLN A 32 -12.28 -27.96 12.77
CA GLN A 32 -11.94 -29.16 13.52
C GLN A 32 -12.10 -30.47 12.77
N PHE A 33 -11.67 -30.50 11.51
CA PHE A 33 -11.79 -31.70 10.70
C PHE A 33 -11.04 -32.88 11.32
N TYR A 34 -9.89 -32.59 11.95
CA TYR A 34 -9.07 -33.64 12.55
C TYR A 34 -9.71 -34.32 13.76
N PHE A 35 -10.89 -33.85 14.17
CA PHE A 35 -11.60 -34.46 15.30
C PHE A 35 -12.24 -35.77 14.83
N GLU A 36 -12.29 -35.97 13.51
CA GLU A 36 -12.89 -37.19 12.96
C GLU A 36 -12.18 -38.42 13.53
N ASP A 37 -12.93 -39.48 13.81
CA ASP A 37 -12.35 -40.71 14.37
C ASP A 37 -11.89 -41.68 13.29
N LYS A 38 -12.19 -41.36 12.04
CA LYS A 38 -11.79 -42.19 10.91
C LYS A 38 -11.43 -41.25 9.77
N TYR A 39 -10.52 -41.67 8.90
CA TYR A 39 -10.14 -40.82 7.77
C TYR A 39 -11.21 -40.93 6.69
N TYR A 40 -12.38 -40.36 6.98
CA TYR A 40 -13.50 -40.38 6.06
C TYR A 40 -13.15 -39.90 4.66
N LEU A 41 -12.05 -39.18 4.52
CA LEU A 41 -11.64 -38.69 3.21
C LEU A 41 -10.13 -38.76 2.98
N GLY A 42 -9.46 -39.62 3.75
CA GLY A 42 -8.04 -39.78 3.61
C GLY A 42 -7.24 -38.80 4.45
N LYS A 43 -5.92 -38.99 4.47
CA LYS A 43 -5.03 -38.14 5.25
C LYS A 43 -4.53 -36.93 4.47
N LYS A 44 -4.61 -37.01 3.15
CA LYS A 44 -4.12 -35.95 2.28
C LYS A 44 -5.16 -34.87 1.94
N CYS A 45 -4.83 -33.63 2.29
CA CYS A 45 -5.71 -32.50 2.02
C CYS A 45 -5.05 -31.57 1.02
N LYS A 46 -5.84 -31.04 0.10
CA LYS A 46 -5.32 -30.11 -0.87
C LYS A 46 -5.19 -28.79 -0.12
N ALA A 47 -6.21 -28.49 0.69
CA ALA A 47 -6.21 -27.27 1.48
C ALA A 47 -7.07 -27.41 2.74
N VAL A 48 -6.64 -26.73 3.80
CA VAL A 48 -7.39 -26.73 5.05
C VAL A 48 -7.73 -25.27 5.33
N PHE A 49 -8.96 -25.02 5.79
CA PHE A 49 -9.41 -23.65 6.07
C PHE A 49 -9.66 -23.42 7.55
N TYR A 50 -9.20 -22.28 8.05
CA TYR A 50 -9.40 -21.94 9.46
C TYR A 50 -9.92 -20.53 9.60
N ASN A 51 -10.81 -20.31 10.56
CA ASN A 51 -11.35 -18.98 10.77
C ASN A 51 -10.31 -18.09 11.44
N PRO A 52 -10.38 -16.78 11.16
CA PRO A 52 -9.45 -15.81 11.73
C PRO A 52 -9.38 -15.88 13.26
N SER A 53 -10.53 -16.05 13.89
CA SER A 53 -10.63 -16.09 15.35
C SER A 53 -9.72 -17.12 16.04
N LEU A 54 -9.49 -18.24 15.39
CA LEU A 54 -8.65 -19.30 15.96
C LEU A 54 -7.50 -19.69 15.04
N PHE A 55 -7.21 -18.85 14.05
CA PHE A 55 -6.14 -19.19 13.13
C PHE A 55 -4.80 -19.43 13.83
N PHE A 56 -4.46 -18.56 14.76
CA PHE A 56 -3.22 -18.68 15.51
C PHE A 56 -3.06 -20.09 16.11
N GLU A 57 -4.10 -20.56 16.78
CA GLU A 57 -4.09 -21.86 17.42
C GLU A 57 -4.23 -23.02 16.44
N GLN A 58 -5.02 -22.83 15.39
CA GLN A 58 -5.21 -23.89 14.40
C GLN A 58 -3.92 -24.12 13.59
N TYR A 59 -3.18 -23.04 13.33
CA TYR A 59 -1.93 -23.17 12.58
C TYR A 59 -0.96 -24.01 13.41
N TYR A 60 -0.87 -23.67 14.70
CA TYR A 60 -0.03 -24.37 15.65
C TYR A 60 -0.39 -25.87 15.68
N THR A 61 -1.69 -26.14 15.75
CA THR A 61 -2.17 -27.51 15.81
C THR A 61 -1.88 -28.24 14.51
N LEU A 62 -2.04 -27.55 13.38
CA LEU A 62 -1.79 -28.15 12.08
C LEU A 62 -0.34 -28.66 11.96
N LYS A 63 0.60 -27.84 12.41
CA LYS A 63 2.01 -28.22 12.34
C LYS A 63 2.24 -29.50 13.13
N HIS A 64 1.48 -29.69 14.21
CA HIS A 64 1.62 -30.89 15.01
C HIS A 64 1.00 -32.08 14.28
N LEU A 65 -0.11 -31.85 13.60
CA LEU A 65 -0.78 -32.92 12.86
C LEU A 65 0.14 -33.42 11.74
N ILE A 66 0.82 -32.48 11.09
CA ILE A 66 1.73 -32.80 10.00
C ILE A 66 2.98 -33.53 10.50
N GLN A 67 3.57 -33.00 11.56
CA GLN A 67 4.77 -33.60 12.15
C GLN A 67 4.47 -35.00 12.64
N ASN A 68 3.26 -35.21 13.14
CA ASN A 68 2.85 -36.50 13.67
C ASN A 68 2.30 -37.41 12.57
N GLN A 69 2.39 -36.95 11.33
CA GLN A 69 1.94 -37.71 10.16
C GLN A 69 0.46 -38.12 10.18
N GLU A 70 -0.39 -37.31 10.80
CA GLU A 70 -1.82 -37.62 10.85
C GLU A 70 -2.49 -37.10 9.59
N TYR A 71 -1.98 -35.98 9.08
CA TYR A 71 -2.52 -35.38 7.86
C TYR A 71 -1.40 -34.65 7.15
N GLU A 72 -1.68 -34.27 5.91
CA GLU A 72 -0.77 -33.49 5.11
C GLU A 72 -1.65 -32.55 4.32
N THR A 73 -1.12 -31.38 3.99
CA THR A 73 -1.89 -30.42 3.23
C THR A 73 -0.98 -29.55 2.39
N GLU A 74 -1.46 -29.22 1.20
CA GLU A 74 -0.69 -28.38 0.31
C GLU A 74 -0.90 -26.91 0.66
N LEU A 75 -2.15 -26.53 0.88
CA LEU A 75 -2.48 -25.15 1.21
C LEU A 75 -3.08 -24.98 2.60
N ILE A 76 -2.84 -23.80 3.19
CA ILE A 76 -3.34 -23.46 4.51
C ILE A 76 -4.04 -22.12 4.27
N MSE A 77 -5.36 -22.13 4.43
CA MSE A 77 -6.19 -20.95 4.17
C MSE A 77 -6.83 -20.35 5.42
O MSE A 77 -7.30 -21.09 6.29
CB MSE A 77 -7.34 -21.33 3.24
CG MSE A 77 -6.93 -21.75 1.84
SE MSE A 77 -6.73 -20.21 0.72
CE MSE A 77 -6.14 -21.10 -0.91
N CYS A 78 -6.85 -19.02 5.49
CA CYS A 78 -7.53 -18.33 6.58
C CYS A 78 -8.80 -17.79 5.94
N SER A 79 -9.94 -18.20 6.45
CA SER A 79 -11.23 -17.79 5.89
C SER A 79 -11.63 -16.37 6.27
N ASN A 80 -10.97 -15.38 5.67
CA ASN A 80 -11.27 -13.98 6.00
C ASN A 80 -12.09 -13.27 4.94
N TYR A 81 -12.61 -12.10 5.30
CA TYR A 81 -13.48 -11.33 4.42
C TYR A 81 -13.13 -9.84 4.31
N ASN A 82 -12.09 -9.40 5.02
CA ASN A 82 -11.70 -8.00 5.03
C ASN A 82 -12.86 -7.16 5.58
N GLN A 83 -13.36 -7.60 6.72
CA GLN A 83 -14.47 -6.95 7.43
C GLN A 83 -13.99 -6.70 8.86
N ALA A 84 -13.99 -5.45 9.29
CA ALA A 84 -13.53 -5.11 10.64
C ALA A 84 -14.27 -5.84 11.76
N HIS A 85 -15.56 -6.11 11.56
CA HIS A 85 -16.30 -6.79 12.61
C HIS A 85 -16.09 -8.31 12.61
N LEU A 86 -15.33 -8.80 11.63
CA LEU A 86 -15.09 -10.23 11.54
C LEU A 86 -13.65 -10.68 11.76
N GLU A 87 -12.70 -9.74 11.71
CA GLU A 87 -11.30 -10.13 11.86
C GLU A 87 -10.44 -8.96 12.29
N ASN A 88 -9.31 -9.28 12.91
CA ASN A 88 -8.37 -8.27 13.37
C ASN A 88 -7.62 -7.70 12.18
N GLU A 89 -7.65 -6.38 12.04
CA GLU A 89 -6.99 -5.69 10.93
C GLU A 89 -5.49 -5.94 10.81
N ASN A 90 -4.79 -5.89 11.94
CA ASN A 90 -3.35 -6.11 11.95
C ASN A 90 -3.02 -7.54 11.57
N PHE A 91 -3.83 -8.48 12.04
CA PHE A 91 -3.65 -9.89 11.73
C PHE A 91 -3.62 -10.07 10.20
N VAL A 92 -4.57 -9.43 9.52
CA VAL A 92 -4.63 -9.54 8.06
C VAL A 92 -3.47 -8.83 7.39
N LYS A 93 -3.15 -7.64 7.89
CA LYS A 93 -2.08 -6.83 7.33
C LYS A 93 -0.72 -7.52 7.35
N THR A 94 -0.38 -8.12 8.48
CA THR A 94 0.90 -8.80 8.65
C THR A 94 0.86 -10.30 8.42
N PHE A 95 -0.29 -10.81 7.97
CA PHE A 95 -0.47 -12.24 7.78
C PHE A 95 0.68 -13.01 7.14
N TYR A 96 1.12 -12.58 5.96
CA TYR A 96 2.17 -13.30 5.26
C TYR A 96 3.53 -13.26 5.92
N ASP A 97 3.70 -12.39 6.90
CA ASP A 97 4.98 -12.33 7.59
C ASP A 97 4.97 -13.22 8.82
N TYR A 98 3.77 -13.52 9.35
CA TYR A 98 3.65 -14.40 10.52
C TYR A 98 3.40 -15.85 10.11
N PHE A 99 2.78 -16.05 8.96
CA PHE A 99 2.47 -17.38 8.43
C PHE A 99 2.83 -17.37 6.93
N PRO A 100 4.12 -17.35 6.61
CA PRO A 100 4.63 -17.30 5.23
C PRO A 100 4.17 -18.40 4.27
N ASP A 101 3.81 -19.57 4.80
CA ASP A 101 3.37 -20.66 3.95
C ASP A 101 1.87 -20.82 3.90
N ALA A 102 1.15 -19.82 4.42
CA ALA A 102 -0.31 -19.86 4.41
C ALA A 102 -0.86 -18.80 3.46
N HIS A 103 -2.19 -18.78 3.28
CA HIS A 103 -2.84 -17.81 2.40
C HIS A 103 -4.07 -17.23 3.05
N LEU A 104 -4.38 -15.99 2.69
CA LEU A 104 -5.59 -15.33 3.16
C LEU A 104 -6.63 -15.77 2.14
N GLY A 105 -7.67 -16.45 2.60
CA GLY A 105 -8.71 -16.91 1.70
C GLY A 105 -9.35 -15.80 0.89
N TYR A 106 -9.34 -14.58 1.43
CA TYR A 106 -9.94 -13.45 0.75
C TYR A 106 -9.20 -13.09 -0.53
N ASP A 107 -7.92 -13.44 -0.60
CA ASP A 107 -7.13 -13.15 -1.80
C ASP A 107 -7.79 -13.84 -2.99
N PHE A 108 -8.50 -14.93 -2.71
CA PHE A 108 -9.16 -15.68 -3.76
C PHE A 108 -10.65 -15.40 -3.82
N PHE A 109 -11.26 -15.33 -2.63
CA PHE A 109 -12.67 -15.05 -2.50
C PHE A 109 -13.04 -13.76 -3.24
N LYS A 110 -12.19 -12.74 -3.12
CA LYS A 110 -12.48 -11.47 -3.77
C LYS A 110 -12.35 -11.49 -5.28
N GLN A 111 -11.84 -12.59 -5.83
CA GLN A 111 -11.70 -12.69 -7.28
C GLN A 111 -13.10 -12.91 -7.88
N LEU A 112 -14.03 -13.37 -7.06
CA LEU A 112 -15.40 -13.58 -7.50
C LEU A 112 -16.16 -12.34 -7.06
N LYS A 113 -16.02 -11.26 -7.84
CA LYS A 113 -16.66 -9.99 -7.50
C LYS A 113 -18.15 -10.06 -7.20
N ASP A 114 -18.91 -10.73 -8.08
CA ASP A 114 -20.36 -10.81 -7.87
C ASP A 114 -20.73 -11.51 -6.56
N PHE A 115 -20.02 -12.59 -6.23
CA PHE A 115 -20.32 -13.30 -5.00
C PHE A 115 -19.87 -12.51 -3.79
N ASN A 116 -18.75 -11.80 -3.91
CA ASN A 116 -18.25 -10.99 -2.81
C ASN A 116 -19.27 -9.88 -2.55
N ALA A 117 -19.81 -9.30 -3.61
CA ALA A 117 -20.81 -8.25 -3.46
C ALA A 117 -22.06 -8.85 -2.80
N TYR A 118 -22.43 -10.04 -3.28
CA TYR A 118 -23.60 -10.75 -2.77
C TYR A 118 -23.43 -11.06 -1.28
N PHE A 119 -22.28 -11.63 -0.94
CA PHE A 119 -22.01 -11.97 0.45
C PHE A 119 -22.05 -10.75 1.36
N LYS A 120 -21.30 -9.73 0.98
CA LYS A 120 -21.20 -8.51 1.77
C LYS A 120 -22.53 -7.81 2.02
N PHE A 121 -23.38 -7.73 1.00
CA PHE A 121 -24.66 -7.07 1.15
C PHE A 121 -25.51 -7.77 2.20
N HIS A 122 -25.67 -9.08 2.06
CA HIS A 122 -26.48 -9.84 3.00
C HIS A 122 -25.91 -9.87 4.41
N GLU A 123 -24.58 -9.94 4.52
CA GLU A 123 -23.94 -9.97 5.83
C GLU A 123 -24.05 -8.64 6.55
N ILE A 124 -23.65 -7.57 5.88
CA ILE A 124 -23.68 -6.24 6.46
C ILE A 124 -25.07 -5.71 6.80
N TYR A 125 -25.98 -5.80 5.83
CA TYR A 125 -27.32 -5.26 6.04
C TYR A 125 -28.37 -6.20 6.63
N PHE A 126 -28.24 -7.49 6.40
CA PHE A 126 -29.24 -8.42 6.93
C PHE A 126 -28.72 -9.47 7.89
N ASN A 127 -27.43 -9.40 8.22
CA ASN A 127 -26.81 -10.33 9.15
C ASN A 127 -27.01 -11.78 8.68
N GLN A 128 -27.01 -11.97 7.36
CA GLN A 128 -27.15 -13.30 6.78
C GLN A 128 -25.74 -13.69 6.34
N ARG A 129 -25.22 -14.77 6.92
CA ARG A 129 -23.86 -15.18 6.62
C ARG A 129 -23.70 -16.64 6.17
N ILE A 130 -22.94 -16.85 5.10
CA ILE A 130 -22.69 -18.19 4.59
C ILE A 130 -21.77 -18.89 5.60
N THR A 131 -21.74 -20.23 5.56
CA THR A 131 -20.88 -20.99 6.46
C THR A 131 -19.56 -21.24 5.72
N SER A 132 -18.55 -21.74 6.43
CA SER A 132 -17.27 -22.01 5.78
C SER A 132 -17.37 -23.08 4.70
N GLY A 133 -18.38 -23.93 4.80
CA GLY A 133 -18.56 -24.94 3.78
C GLY A 133 -18.75 -24.23 2.46
N VAL A 134 -19.56 -23.17 2.46
CA VAL A 134 -19.83 -22.38 1.26
C VAL A 134 -18.64 -21.51 0.91
N TYR A 135 -17.97 -20.97 1.93
CA TYR A 135 -16.79 -20.13 1.71
C TYR A 135 -15.76 -20.93 0.90
N MSE A 136 -15.55 -22.19 1.27
CA MSE A 136 -14.61 -23.06 0.59
C MSE A 136 -15.00 -23.31 -0.87
O MSE A 136 -14.14 -23.45 -1.73
CB MSE A 136 -14.47 -24.40 1.31
CG MSE A 136 -13.83 -24.32 2.71
SE MSE A 136 -13.41 -26.06 3.44
CE MSE A 136 -15.21 -26.62 3.89
N CYS A 137 -16.30 -23.37 -1.13
CA CYS A 137 -16.78 -23.58 -2.50
C CYS A 137 -16.36 -22.39 -3.35
N ALA A 138 -16.52 -21.20 -2.78
CA ALA A 138 -16.16 -19.97 -3.47
C ALA A 138 -14.65 -19.94 -3.76
N VAL A 139 -13.85 -20.26 -2.77
CA VAL A 139 -12.41 -20.24 -2.98
C VAL A 139 -11.99 -21.30 -4.00
N ALA A 140 -12.66 -22.46 -3.99
CA ALA A 140 -12.34 -23.52 -4.95
C ALA A 140 -12.60 -22.99 -6.37
N ILE A 141 -13.75 -22.37 -6.54
CA ILE A 141 -14.13 -21.80 -7.82
C ILE A 141 -13.07 -20.81 -8.27
N ALA A 142 -12.71 -19.89 -7.36
CA ALA A 142 -11.70 -18.89 -7.64
C ALA A 142 -10.36 -19.54 -8.01
N LEU A 143 -10.13 -20.75 -7.48
CA LEU A 143 -8.89 -21.45 -7.78
C LEU A 143 -8.96 -22.16 -9.14
N GLY A 144 -10.16 -22.28 -9.68
CA GLY A 144 -10.32 -22.93 -10.98
C GLY A 144 -11.12 -24.23 -11.00
N TYR A 145 -11.48 -24.76 -9.83
CA TYR A 145 -12.24 -26.00 -9.76
C TYR A 145 -13.63 -25.83 -10.37
N LYS A 146 -14.07 -26.81 -11.16
CA LYS A 146 -15.38 -26.72 -11.80
C LYS A 146 -16.33 -27.88 -11.47
N GLU A 147 -15.84 -28.83 -10.69
CA GLU A 147 -16.65 -29.98 -10.29
C GLU A 147 -16.48 -30.16 -8.78
N ILE A 148 -17.46 -29.66 -8.02
CA ILE A 148 -17.41 -29.72 -6.57
C ILE A 148 -18.34 -30.74 -5.92
N TYR A 149 -17.76 -31.67 -5.16
CA TYR A 149 -18.50 -32.70 -4.46
C TYR A 149 -18.60 -32.28 -2.99
N LEU A 150 -19.82 -32.08 -2.51
CA LEU A 150 -20.04 -31.65 -1.15
C LEU A 150 -20.38 -32.75 -0.15
N SER A 151 -19.94 -32.56 1.09
CA SER A 151 -20.20 -33.52 2.16
C SER A 151 -20.04 -32.82 3.50
N GLY A 152 -20.63 -33.40 4.54
CA GLY A 152 -20.54 -32.83 5.87
C GLY A 152 -21.27 -31.51 6.04
N ILE A 153 -22.15 -31.18 5.10
CA ILE A 153 -22.92 -29.95 5.19
C ILE A 153 -24.38 -30.29 5.49
N ASP A 154 -24.80 -30.05 6.72
CA ASP A 154 -26.16 -30.37 7.11
C ASP A 154 -27.00 -29.19 7.61
N PHE A 155 -26.46 -27.99 7.46
CA PHE A 155 -27.18 -26.78 7.86
C PHE A 155 -27.58 -26.76 9.33
N TYR A 156 -26.85 -27.50 10.16
CA TYR A 156 -27.13 -27.56 11.58
C TYR A 156 -28.61 -27.88 11.83
N GLN A 157 -29.13 -28.87 11.10
CA GLN A 157 -30.51 -29.27 11.23
C GLN A 157 -30.82 -29.79 12.63
N ASN A 158 -29.98 -30.70 13.12
CA ASN A 158 -30.16 -31.28 14.45
C ASN A 158 -29.40 -30.46 15.48
N GLY A 159 -29.23 -29.17 15.20
CA GLY A 159 -28.52 -28.30 16.11
C GLY A 159 -27.04 -28.23 15.77
N SER A 160 -26.20 -28.16 16.80
CA SER A 160 -24.75 -28.07 16.61
C SER A 160 -24.11 -29.46 16.59
N SER A 161 -24.71 -30.37 15.84
CA SER A 161 -24.19 -31.72 15.74
C SER A 161 -22.99 -31.79 14.80
N TYR A 162 -22.13 -32.77 15.02
CA TYR A 162 -20.95 -32.96 14.18
C TYR A 162 -20.72 -34.43 13.92
N ALA A 163 -19.73 -34.71 13.07
CA ALA A 163 -19.37 -36.08 12.74
C ALA A 163 -18.38 -36.58 13.78
N PHE A 164 -18.45 -36.00 14.97
CA PHE A 164 -17.57 -36.35 16.08
C PHE A 164 -17.96 -35.58 17.34
N ASP A 165 -17.28 -35.87 18.45
CA ASP A 165 -17.55 -35.17 19.70
C ASP A 165 -16.66 -33.93 19.71
N THR A 166 -17.26 -32.78 19.42
CA THR A 166 -16.51 -31.54 19.37
C THR A 166 -16.30 -30.85 20.72
N LYS A 167 -16.95 -31.37 21.76
CA LYS A 167 -16.82 -30.77 23.08
C LYS A 167 -15.55 -31.21 23.79
N GLN A 168 -14.42 -30.70 23.28
CA GLN A 168 -13.10 -30.98 23.80
C GLN A 168 -12.59 -29.82 24.65
N LYS A 169 -11.86 -30.17 25.71
CA LYS A 169 -11.31 -29.20 26.66
C LYS A 169 -10.74 -27.90 26.08
N ASN A 170 -9.74 -28.02 25.22
CA ASN A 170 -9.11 -26.83 24.66
C ASN A 170 -10.03 -26.02 23.75
N LEU A 171 -10.79 -26.71 22.90
CA LEU A 171 -11.70 -26.00 22.01
C LEU A 171 -12.72 -25.21 22.82
N LEU A 172 -13.23 -25.81 23.89
CA LEU A 172 -14.22 -25.15 24.73
C LEU A 172 -13.61 -23.95 25.45
N LYS A 173 -12.32 -24.03 25.76
CA LYS A 173 -11.65 -22.93 26.42
C LYS A 173 -11.48 -21.77 25.43
N LEU A 174 -11.06 -22.09 24.21
CA LEU A 174 -10.82 -21.08 23.18
C LEU A 174 -12.07 -20.48 22.54
N ALA A 175 -13.08 -21.32 22.36
CA ALA A 175 -14.34 -20.89 21.75
C ALA A 175 -15.46 -21.38 22.65
N PRO A 176 -15.68 -20.70 23.77
CA PRO A 176 -16.72 -21.04 24.76
C PRO A 176 -18.14 -21.22 24.23
N ASN A 177 -18.45 -20.69 23.06
CA ASN A 177 -19.79 -20.86 22.52
C ASN A 177 -20.08 -22.34 22.26
N PHE A 178 -19.03 -23.14 22.17
CA PHE A 178 -19.21 -24.57 21.93
C PHE A 178 -19.81 -25.27 23.15
N LYS A 179 -19.76 -24.60 24.30
CA LYS A 179 -20.32 -25.17 25.52
C LYS A 179 -21.84 -25.05 25.56
N ASN A 180 -22.39 -24.19 24.71
CA ASN A 180 -23.84 -23.97 24.63
C ASN A 180 -24.52 -25.18 24.00
N ASP A 181 -25.78 -25.40 24.38
CA ASP A 181 -26.56 -26.50 23.84
C ASP A 181 -26.55 -26.40 22.31
N ASN A 182 -26.84 -25.19 21.82
CA ASN A 182 -26.85 -24.92 20.38
C ASN A 182 -25.85 -23.81 20.09
N SER A 183 -24.68 -24.20 19.60
CA SER A 183 -23.62 -23.24 19.29
C SER A 183 -23.73 -22.67 17.87
N HIS A 184 -24.75 -23.10 17.13
CA HIS A 184 -24.96 -22.63 15.77
C HIS A 184 -25.11 -21.10 15.73
N TYR A 185 -24.44 -20.47 14.77
CA TYR A 185 -24.50 -19.01 14.63
C TYR A 185 -25.80 -18.56 13.97
N ILE A 186 -26.55 -17.71 14.68
CA ILE A 186 -27.83 -17.19 14.22
C ILE A 186 -27.86 -16.66 12.78
N GLY A 187 -26.73 -16.12 12.32
CA GLY A 187 -26.66 -15.58 10.97
C GLY A 187 -26.63 -16.63 9.87
N HIS A 188 -26.36 -17.88 10.25
CA HIS A 188 -26.33 -18.97 9.28
C HIS A 188 -27.74 -19.52 9.10
N SER A 189 -28.01 -20.08 7.93
CA SER A 189 -29.32 -20.66 7.66
C SER A 189 -29.23 -21.64 6.50
N LYS A 190 -30.17 -22.58 6.48
CA LYS A 190 -30.22 -23.57 5.41
C LYS A 190 -30.41 -22.82 4.09
N ASN A 191 -31.32 -21.86 4.10
CA ASN A 191 -31.62 -21.08 2.91
C ASN A 191 -30.43 -20.26 2.44
N THR A 192 -29.78 -19.55 3.37
CA THR A 192 -28.63 -18.73 3.02
C THR A 192 -27.56 -19.53 2.30
N ASP A 193 -27.18 -20.67 2.87
CA ASP A 193 -26.17 -21.50 2.24
C ASP A 193 -26.64 -22.05 0.89
N ILE A 194 -27.86 -22.59 0.85
CA ILE A 194 -28.39 -23.12 -0.40
C ILE A 194 -28.39 -22.05 -1.49
N LYS A 195 -28.95 -20.89 -1.18
CA LYS A 195 -29.02 -19.80 -2.15
C LYS A 195 -27.63 -19.34 -2.56
N ALA A 196 -26.71 -19.33 -1.61
CA ALA A 196 -25.34 -18.92 -1.90
C ALA A 196 -24.73 -19.94 -2.85
N LEU A 197 -25.01 -21.22 -2.59
CA LEU A 197 -24.49 -22.29 -3.43
C LEU A 197 -25.11 -22.21 -4.83
N GLU A 198 -26.40 -21.92 -4.88
CA GLU A 198 -27.10 -21.79 -6.16
C GLU A 198 -26.50 -20.63 -6.95
N PHE A 199 -26.22 -19.53 -6.24
CA PHE A 199 -25.65 -18.34 -6.87
C PHE A 199 -24.29 -18.65 -7.51
N LEU A 200 -23.45 -19.39 -6.80
CA LEU A 200 -22.12 -19.74 -7.29
C LEU A 200 -22.17 -20.64 -8.52
N GLU A 201 -22.92 -21.73 -8.41
CA GLU A 201 -23.05 -22.68 -9.51
C GLU A 201 -23.47 -21.95 -10.79
N LYS A 202 -24.55 -21.17 -10.67
CA LYS A 202 -25.09 -20.42 -11.77
C LYS A 202 -24.14 -19.37 -12.33
N THR A 203 -23.80 -18.39 -11.50
CA THR A 203 -22.92 -17.30 -11.90
C THR A 203 -21.57 -17.71 -12.49
N TYR A 204 -20.96 -18.76 -11.93
CA TYR A 204 -19.64 -19.18 -12.40
C TYR A 204 -19.60 -20.46 -13.24
N LYS A 205 -20.78 -20.96 -13.59
CA LYS A 205 -20.90 -22.16 -14.41
C LYS A 205 -20.05 -23.32 -13.95
N ILE A 206 -20.31 -23.79 -12.75
CA ILE A 206 -19.59 -24.93 -12.19
C ILE A 206 -20.64 -25.97 -11.81
N LYS A 207 -20.21 -27.21 -11.59
CA LYS A 207 -21.15 -28.26 -11.24
C LYS A 207 -20.99 -28.72 -9.79
N LEU A 208 -22.11 -28.79 -9.08
CA LEU A 208 -22.12 -29.22 -7.69
C LEU A 208 -22.73 -30.61 -7.56
N TYR A 209 -22.23 -31.39 -6.60
CA TYR A 209 -22.70 -32.74 -6.36
C TYR A 209 -22.80 -32.99 -4.86
N CYS A 210 -23.55 -34.02 -4.48
CA CYS A 210 -23.73 -34.37 -3.08
C CYS A 210 -23.29 -35.81 -2.84
N LEU A 211 -22.37 -36.00 -1.90
CA LEU A 211 -21.87 -37.34 -1.58
C LEU A 211 -22.62 -37.98 -0.43
N CYS A 212 -23.61 -37.26 0.09
CA CYS A 212 -24.39 -37.76 1.22
C CYS A 212 -25.88 -37.83 0.90
N PRO A 213 -26.32 -38.92 0.27
CA PRO A 213 -27.72 -39.12 -0.11
C PRO A 213 -28.71 -38.96 1.04
N ASN A 214 -28.28 -39.33 2.25
CA ASN A 214 -29.15 -39.23 3.42
C ASN A 214 -29.13 -37.85 4.04
N SER A 215 -28.26 -36.98 3.53
CA SER A 215 -28.16 -35.61 4.06
C SER A 215 -29.28 -34.72 3.55
N LEU A 216 -29.62 -33.71 4.34
CA LEU A 216 -30.66 -32.76 3.98
C LEU A 216 -30.24 -32.03 2.72
N LEU A 217 -28.94 -32.04 2.45
CA LEU A 217 -28.39 -31.38 1.27
C LEU A 217 -28.81 -32.10 -0.01
N ALA A 218 -29.15 -33.38 0.13
CA ALA A 218 -29.57 -34.18 -1.02
C ALA A 218 -30.91 -33.71 -1.57
N ASN A 219 -31.59 -32.83 -0.82
CA ASN A 219 -32.87 -32.31 -1.25
C ASN A 219 -32.71 -31.04 -2.09
N PHE A 220 -31.47 -30.60 -2.26
CA PHE A 220 -31.20 -29.39 -3.03
C PHE A 220 -30.16 -29.57 -4.14
N ILE A 221 -29.10 -30.30 -3.83
CA ILE A 221 -28.05 -30.52 -4.82
C ILE A 221 -28.11 -31.93 -5.39
N GLU A 222 -27.83 -32.03 -6.68
CA GLU A 222 -27.84 -33.32 -7.38
C GLU A 222 -26.82 -34.27 -6.80
N LEU A 223 -27.25 -35.49 -6.50
CA LEU A 223 -26.36 -36.49 -5.93
C LEU A 223 -25.25 -36.83 -6.91
N ALA A 224 -24.06 -37.10 -6.39
CA ALA A 224 -22.93 -37.45 -7.24
C ALA A 224 -23.22 -38.73 -8.00
N PRO A 225 -22.86 -38.79 -9.29
CA PRO A 225 -23.09 -39.97 -10.12
C PRO A 225 -22.41 -41.22 -9.59
N ASN A 226 -23.21 -42.22 -9.21
CA ASN A 226 -22.68 -43.47 -8.68
C ASN A 226 -21.70 -44.10 -9.66
N LEU A 227 -20.41 -43.90 -9.40
CA LEU A 227 -19.37 -44.46 -10.26
C LEU A 227 -19.09 -45.90 -9.83
N ASN A 228 -19.86 -46.36 -8.85
CA ASN A 228 -19.71 -47.72 -8.35
C ASN A 228 -18.26 -47.97 -7.97
N SER A 229 -17.72 -47.12 -7.10
CA SER A 229 -16.34 -47.24 -6.66
C SER A 229 -16.21 -47.53 -5.17
N ASN A 230 -15.01 -47.94 -4.75
CA ASN A 230 -14.76 -48.25 -3.35
C ASN A 230 -13.67 -47.30 -2.83
N PHE A 231 -13.60 -47.14 -1.50
CA PHE A 231 -12.61 -46.23 -0.92
C PHE A 231 -11.73 -46.84 0.16
N ILE A 232 -12.35 -47.41 1.20
CA ILE A 232 -11.64 -48.00 2.33
C ILE A 232 -11.28 -46.92 3.34
N ILE A 233 -12.05 -46.84 4.41
CA ILE A 233 -11.83 -45.84 5.45
C ILE A 233 -10.79 -46.34 6.44
N GLN A 234 -9.71 -45.58 6.60
CA GLN A 234 -8.65 -45.94 7.53
C GLN A 234 -9.07 -45.53 8.93
N GLU A 235 -8.73 -46.36 9.92
CA GLU A 235 -9.09 -46.09 11.30
C GLU A 235 -8.08 -45.12 11.93
N LYS A 236 -8.47 -44.47 13.01
CA LYS A 236 -7.60 -43.54 13.71
C LYS A 236 -7.51 -43.93 15.18
N ASN A 237 -6.29 -43.98 15.70
CA ASN A 237 -6.05 -44.36 17.09
C ASN A 237 -5.12 -43.38 17.78
N ASN A 238 -5.43 -43.04 19.03
CA ASN A 238 -4.62 -42.10 19.80
C ASN A 238 -4.20 -40.92 18.93
N TYR A 239 -5.17 -40.40 18.19
CA TYR A 239 -4.92 -39.27 17.30
C TYR A 239 -5.20 -37.95 18.01
N THR A 240 -4.89 -36.86 17.34
CA THR A 240 -5.11 -35.52 17.89
C THR A 240 -6.60 -35.22 17.72
N LYS A 241 -7.33 -35.14 18.83
CA LYS A 241 -8.77 -34.91 18.78
C LYS A 241 -9.22 -33.61 19.44
N ASP A 242 -8.27 -32.73 19.72
CA ASP A 242 -8.58 -31.45 20.33
C ASP A 242 -7.57 -30.45 19.80
N ILE A 243 -7.95 -29.17 19.76
CA ILE A 243 -7.04 -28.14 19.29
C ILE A 243 -5.96 -27.92 20.36
N LEU A 244 -4.77 -27.47 19.94
CA LEU A 244 -3.69 -27.23 20.88
C LEU A 244 -3.61 -25.74 21.18
N ILE A 245 -3.19 -25.41 22.40
CA ILE A 245 -3.09 -24.03 22.82
C ILE A 245 -1.63 -23.62 22.97
N PRO A 246 -1.20 -22.58 22.24
CA PRO A 246 0.18 -22.09 22.30
C PRO A 246 0.59 -21.60 23.68
N SER A 247 1.90 -21.45 23.86
CA SER A 247 2.48 -21.00 25.12
C SER A 247 2.10 -19.55 25.42
N SER A 248 2.25 -19.14 26.69
CA SER A 248 1.93 -17.78 27.04
C SER A 248 2.87 -16.82 26.31
N GLU A 249 4.13 -17.22 26.14
CA GLU A 249 5.09 -16.37 25.45
C GLU A 249 4.70 -16.19 23.98
N ALA A 250 4.17 -17.26 23.37
CA ALA A 250 3.74 -17.19 21.97
C ALA A 250 2.58 -16.20 21.85
N TYR A 251 1.62 -16.30 22.75
CA TYR A 251 0.48 -15.38 22.72
C TYR A 251 0.97 -13.94 22.91
N GLY A 252 1.98 -13.76 23.76
CA GLY A 252 2.51 -12.43 23.99
C GLY A 252 3.06 -11.81 22.72
N LYS A 253 3.79 -12.61 21.95
CA LYS A 253 4.38 -12.15 20.70
C LYS A 253 3.30 -11.83 19.67
N PHE A 254 2.22 -12.59 19.69
CA PHE A 254 1.14 -12.41 18.72
C PHE A 254 0.03 -11.45 19.19
N SER A 255 0.12 -10.95 20.43
CA SER A 255 -0.92 -10.09 20.99
C SER A 255 -1.48 -8.95 20.12
N LYS A 256 -0.64 -8.31 19.32
CA LYS A 256 -1.09 -7.23 18.46
C LYS A 256 -2.01 -7.70 17.33
N ASN A 257 -1.94 -8.98 17.01
CA ASN A 257 -2.74 -9.58 15.95
C ASN A 257 -4.02 -10.24 16.43
N ILE A 258 -4.37 -10.06 17.71
CA ILE A 258 -5.58 -10.67 18.24
C ILE A 258 -6.33 -9.69 19.13
N MSE B 1 26.91 -18.33 -10.46
CA MSE B 1 27.16 -17.44 -9.30
C MSE B 1 28.54 -17.66 -8.70
O MSE B 1 29.06 -18.78 -8.70
CB MSE B 1 26.10 -17.70 -8.22
CG MSE B 1 24.90 -16.77 -8.29
SE MSE B 1 25.30 -14.95 -7.72
CE MSE B 1 25.74 -14.19 -9.45
N LYS B 2 29.12 -16.58 -8.20
CA LYS B 2 30.43 -16.62 -7.56
C LYS B 2 30.22 -17.34 -6.23
N LYS B 3 31.26 -17.93 -5.67
CA LYS B 3 31.13 -18.62 -4.40
C LYS B 3 31.08 -17.59 -3.28
N VAL B 4 30.47 -17.94 -2.15
CA VAL B 4 30.40 -16.99 -1.04
C VAL B 4 30.85 -17.60 0.28
N ILE B 5 31.64 -16.83 1.01
CA ILE B 5 32.13 -17.26 2.31
C ILE B 5 31.35 -16.45 3.34
N ILE B 6 30.64 -17.14 4.22
CA ILE B 6 29.87 -16.48 5.25
C ILE B 6 30.62 -16.66 6.57
N ALA B 7 30.95 -15.54 7.21
CA ALA B 7 31.72 -15.59 8.44
C ALA B 7 31.04 -15.01 9.67
N GLY B 8 31.06 -15.80 10.74
CA GLY B 8 30.55 -15.35 12.01
C GLY B 8 31.80 -14.82 12.66
N ASN B 9 31.73 -14.38 13.91
CA ASN B 9 32.92 -13.85 14.57
C ASN B 9 33.41 -14.72 15.72
N GLY B 10 33.17 -16.02 15.62
CA GLY B 10 33.62 -16.95 16.64
C GLY B 10 35.10 -17.20 16.48
N PRO B 11 35.74 -17.86 17.46
CA PRO B 11 37.18 -18.14 17.41
C PRO B 11 37.65 -18.91 16.19
N SER B 12 36.76 -19.70 15.59
CA SER B 12 37.13 -20.46 14.39
C SER B 12 37.52 -19.53 13.25
N LEU B 13 37.14 -18.26 13.36
CA LEU B 13 37.49 -17.29 12.32
C LEU B 13 39.00 -17.20 12.20
N LYS B 14 39.70 -17.38 13.31
CA LYS B 14 41.16 -17.31 13.35
C LYS B 14 41.79 -18.68 13.07
N GLU B 15 40.96 -19.68 12.81
CA GLU B 15 41.45 -21.03 12.55
C GLU B 15 40.94 -21.59 11.23
N ILE B 16 40.98 -20.76 10.19
CA ILE B 16 40.54 -21.20 8.87
C ILE B 16 41.65 -21.95 8.15
N ASP B 17 41.32 -23.15 7.66
CA ASP B 17 42.31 -23.93 6.92
C ASP B 17 42.34 -23.33 5.53
N TYR B 18 43.21 -22.35 5.33
CA TYR B 18 43.30 -21.67 4.04
C TYR B 18 43.59 -22.54 2.85
N SER B 19 44.05 -23.76 3.08
CA SER B 19 44.33 -24.68 1.98
C SER B 19 43.01 -25.00 1.26
N ARG B 20 41.90 -24.83 1.98
CA ARG B 20 40.58 -25.12 1.44
C ARG B 20 39.86 -23.87 0.91
N LEU B 21 40.43 -22.70 1.17
CA LEU B 21 39.82 -21.45 0.72
C LEU B 21 39.66 -21.42 -0.80
N PRO B 22 38.42 -21.24 -1.29
CA PRO B 22 38.17 -21.20 -2.73
C PRO B 22 38.88 -20.03 -3.42
N ASN B 23 38.87 -20.04 -4.75
CA ASN B 23 39.54 -18.99 -5.52
C ASN B 23 38.72 -17.72 -5.67
N ASP B 24 37.65 -17.79 -6.47
CA ASP B 24 36.80 -16.62 -6.68
C ASP B 24 35.59 -16.70 -5.75
N PHE B 25 35.58 -15.83 -4.74
CA PHE B 25 34.50 -15.82 -3.76
C PHE B 25 34.13 -14.42 -3.28
N ASP B 26 32.93 -14.32 -2.71
CA ASP B 26 32.45 -13.07 -2.14
C ASP B 26 32.45 -13.31 -0.64
N VAL B 27 32.48 -12.24 0.14
CA VAL B 27 32.51 -12.38 1.60
C VAL B 27 31.34 -11.65 2.28
N PHE B 28 30.70 -12.35 3.22
CA PHE B 28 29.60 -11.81 4.01
C PHE B 28 30.10 -11.74 5.46
N ARG B 29 30.01 -10.57 6.07
CA ARG B 29 30.44 -10.40 7.45
C ARG B 29 29.27 -9.83 8.25
N CYS B 30 29.33 -9.94 9.57
CA CYS B 30 28.25 -9.42 10.39
C CYS B 30 28.72 -8.74 11.65
N ASN B 31 27.85 -7.89 12.17
CA ASN B 31 28.06 -7.16 13.41
C ASN B 31 29.47 -6.65 13.69
N GLN B 32 30.08 -7.06 14.81
CA GLN B 32 31.43 -6.55 15.11
C GLN B 32 32.57 -7.27 14.39
N PHE B 33 32.38 -7.54 13.10
CA PHE B 33 33.40 -8.23 12.32
C PHE B 33 34.73 -7.47 12.30
N TYR B 34 34.63 -6.14 12.28
CA TYR B 34 35.81 -5.28 12.24
C TYR B 34 36.69 -5.35 13.48
N PHE B 35 36.25 -6.08 14.49
CA PHE B 35 37.03 -6.23 15.71
C PHE B 35 38.21 -7.17 15.46
N GLU B 36 38.19 -7.86 14.33
CA GLU B 36 39.26 -8.79 14.00
C GLU B 36 40.62 -8.09 13.95
N ASP B 37 41.64 -8.76 14.48
CA ASP B 37 42.98 -8.19 14.52
C ASP B 37 43.75 -8.35 13.22
N LYS B 38 43.26 -9.21 12.33
CA LYS B 38 43.88 -9.43 11.04
C LYS B 38 42.76 -9.57 10.02
N TYR B 39 43.07 -9.35 8.74
CA TYR B 39 42.07 -9.49 7.69
C TYR B 39 41.96 -10.96 7.31
N TYR B 40 41.38 -11.75 8.21
CA TYR B 40 41.23 -13.19 7.98
C TYR B 40 40.54 -13.55 6.67
N LEU B 41 39.72 -12.64 6.15
CA LEU B 41 39.03 -12.89 4.89
C LEU B 41 39.14 -11.72 3.91
N GLY B 42 40.16 -10.89 4.09
CA GLY B 42 40.34 -9.76 3.20
C GLY B 42 39.55 -8.54 3.63
N LYS B 43 39.87 -7.39 3.02
CA LYS B 43 39.23 -6.12 3.33
C LYS B 43 37.92 -5.92 2.56
N LYS B 44 37.77 -6.69 1.48
CA LYS B 44 36.61 -6.58 0.62
C LYS B 44 35.42 -7.47 0.98
N CYS B 45 34.28 -6.83 1.24
CA CYS B 45 33.06 -7.56 1.59
C CYS B 45 32.01 -7.37 0.51
N LYS B 46 31.24 -8.41 0.24
CA LYS B 46 30.17 -8.31 -0.73
C LYS B 46 29.02 -7.68 0.05
N ALA B 47 28.86 -8.10 1.30
CA ALA B 47 27.81 -7.55 2.15
C ALA B 47 28.15 -7.63 3.64
N VAL B 48 27.62 -6.69 4.41
CA VAL B 48 27.81 -6.70 5.85
C VAL B 48 26.40 -6.69 6.44
N PHE B 49 26.20 -7.47 7.49
CA PHE B 49 24.91 -7.60 8.17
C PHE B 49 24.93 -7.06 9.58
N TYR B 50 23.91 -6.29 9.93
CA TYR B 50 23.80 -5.71 11.28
C TYR B 50 22.40 -5.92 11.85
N ASN B 51 22.32 -6.18 13.14
CA ASN B 51 21.03 -6.39 13.80
C ASN B 51 20.30 -5.05 13.89
N PRO B 52 18.97 -5.07 13.81
CA PRO B 52 18.20 -3.82 13.91
C PRO B 52 18.49 -3.02 15.17
N SER B 53 18.70 -3.71 16.29
CA SER B 53 18.93 -3.05 17.59
C SER B 53 20.10 -2.07 17.62
N LEU B 54 21.15 -2.36 16.84
CA LEU B 54 22.32 -1.48 16.81
C LEU B 54 22.64 -0.95 15.42
N PHE B 55 21.70 -1.10 14.49
CA PHE B 55 21.94 -0.65 13.11
C PHE B 55 22.35 0.81 13.02
N PHE B 56 21.66 1.67 13.76
CA PHE B 56 21.94 3.09 13.76
C PHE B 56 23.43 3.38 13.98
N GLU B 57 23.99 2.74 15.00
CA GLU B 57 25.39 2.93 15.34
C GLU B 57 26.35 2.16 14.43
N GLN B 58 25.94 0.98 13.99
CA GLN B 58 26.79 0.18 13.10
C GLN B 58 26.92 0.85 11.74
N TYR B 59 25.87 1.52 11.28
CA TYR B 59 25.90 2.20 10.00
C TYR B 59 26.89 3.37 10.07
N TYR B 60 26.77 4.12 11.14
CA TYR B 60 27.65 5.25 11.40
C TYR B 60 29.09 4.72 11.42
N THR B 61 29.31 3.63 12.15
CA THR B 61 30.64 3.04 12.25
C THR B 61 31.17 2.55 10.90
N LEU B 62 30.31 1.90 10.12
CA LEU B 62 30.71 1.40 8.81
C LEU B 62 31.19 2.49 7.87
N LYS B 63 30.52 3.64 7.91
CA LYS B 63 30.91 4.74 7.04
C LYS B 63 32.33 5.17 7.37
N HIS B 64 32.70 5.10 8.66
CA HIS B 64 34.07 5.46 9.01
C HIS B 64 35.04 4.37 8.54
N LEU B 65 34.63 3.10 8.68
CA LEU B 65 35.48 1.99 8.25
C LEU B 65 35.80 2.15 6.77
N ILE B 66 34.80 2.58 6.01
CA ILE B 66 34.96 2.74 4.58
C ILE B 66 35.81 3.95 4.22
N GLN B 67 35.50 5.09 4.82
CA GLN B 67 36.26 6.30 4.55
C GLN B 67 37.71 6.15 4.99
N ASN B 68 37.92 5.41 6.08
CA ASN B 68 39.26 5.20 6.61
C ASN B 68 40.02 4.06 5.94
N GLN B 69 39.44 3.52 4.86
CA GLN B 69 40.06 2.45 4.08
C GLN B 69 40.30 1.14 4.83
N GLU B 70 39.52 0.87 5.86
CA GLU B 70 39.69 -0.37 6.61
C GLU B 70 38.96 -1.52 5.93
N TYR B 71 37.79 -1.22 5.37
CA TYR B 71 36.99 -2.22 4.68
C TYR B 71 36.19 -1.57 3.57
N GLU B 72 35.64 -2.39 2.70
CA GLU B 72 34.77 -1.89 1.65
C GLU B 72 33.68 -2.94 1.55
N THR B 73 32.48 -2.50 1.16
CA THR B 73 31.38 -3.42 1.03
C THR B 73 30.44 -2.88 -0.03
N GLU B 74 29.86 -3.80 -0.80
CA GLU B 74 28.93 -3.41 -1.83
C GLU B 74 27.54 -3.24 -1.23
N LEU B 75 27.16 -4.19 -0.38
CA LEU B 75 25.86 -4.17 0.24
C LEU B 75 25.89 -4.00 1.75
N ILE B 76 24.85 -3.39 2.29
CA ILE B 76 24.72 -3.16 3.72
C ILE B 76 23.35 -3.70 4.07
N MSE B 77 23.31 -4.77 4.85
CA MSE B 77 22.08 -5.44 5.22
C MSE B 77 21.67 -5.29 6.68
O MSE B 77 22.51 -5.36 7.59
CB MSE B 77 22.20 -6.93 4.92
CG MSE B 77 22.50 -7.26 3.46
SE MSE B 77 20.83 -7.56 2.54
CE MSE B 77 21.52 -7.68 0.73
N CYS B 78 20.38 -5.09 6.91
CA CYS B 78 19.85 -5.03 8.26
C CYS B 78 19.12 -6.35 8.40
N SER B 79 19.48 -7.15 9.40
CA SER B 79 18.87 -8.46 9.60
C SER B 79 17.51 -8.43 10.28
N ASN B 80 16.48 -8.02 9.54
CA ASN B 80 15.13 -7.94 10.10
C ASN B 80 14.24 -9.10 9.67
N TYR B 81 13.10 -9.24 10.33
CA TYR B 81 12.18 -10.33 10.07
C TYR B 81 10.73 -9.91 9.87
N ASN B 82 10.46 -8.62 9.97
CA ASN B 82 9.08 -8.12 9.88
C ASN B 82 8.22 -8.73 10.99
N GLN B 83 8.71 -8.57 12.22
CA GLN B 83 8.01 -9.06 13.39
C GLN B 83 8.07 -7.93 14.40
N ALA B 84 6.90 -7.50 14.87
CA ALA B 84 6.80 -6.41 15.83
C ALA B 84 7.60 -6.64 17.11
N HIS B 85 7.67 -7.89 17.57
CA HIS B 85 8.40 -8.17 18.81
C HIS B 85 9.90 -8.30 18.61
N LEU B 86 10.34 -8.27 17.36
CA LEU B 86 11.77 -8.39 17.08
C LEU B 86 12.45 -7.11 16.60
N GLU B 87 11.69 -6.22 15.97
CA GLU B 87 12.24 -4.96 15.45
C GLU B 87 11.26 -3.81 15.61
N ASN B 88 11.81 -2.59 15.65
CA ASN B 88 11.02 -1.38 15.78
C ASN B 88 10.23 -1.22 14.49
N GLU B 89 8.92 -1.06 14.61
CA GLU B 89 8.05 -0.92 13.45
C GLU B 89 8.39 0.29 12.56
N ASN B 90 8.58 1.45 13.16
CA ASN B 90 8.89 2.64 12.38
C ASN B 90 10.25 2.53 11.72
N PHE B 91 11.18 1.86 12.40
CA PHE B 91 12.52 1.66 11.88
C PHE B 91 12.47 0.98 10.51
N VAL B 92 11.69 -0.10 10.44
CA VAL B 92 11.55 -0.86 9.20
C VAL B 92 10.79 -0.04 8.15
N LYS B 93 9.70 0.57 8.57
CA LYS B 93 8.86 1.39 7.69
C LYS B 93 9.65 2.45 6.92
N THR B 94 10.46 3.20 7.64
CA THR B 94 11.23 4.31 7.07
C THR B 94 12.68 3.97 6.71
N PHE B 95 13.07 2.72 6.85
CA PHE B 95 14.44 2.30 6.60
C PHE B 95 15.13 2.86 5.36
N TYR B 96 14.53 2.69 4.20
CA TYR B 96 15.17 3.15 2.97
C TYR B 96 15.33 4.65 2.82
N ASP B 97 14.61 5.44 3.61
CA ASP B 97 14.75 6.88 3.51
C ASP B 97 15.82 7.39 4.47
N TYR B 98 16.10 6.61 5.51
CA TYR B 98 17.15 7.01 6.46
C TYR B 98 18.49 6.46 6.02
N PHE B 99 18.47 5.34 5.30
CA PHE B 99 19.69 4.67 4.81
C PHE B 99 19.48 4.25 3.35
N PRO B 100 19.48 5.21 2.44
CA PRO B 100 19.29 4.98 1.00
C PRO B 100 20.16 3.93 0.32
N ASP B 101 21.36 3.69 0.84
CA ASP B 101 22.24 2.72 0.21
C ASP B 101 22.33 1.39 0.95
N ALA B 102 21.38 1.15 1.86
CA ALA B 102 21.36 -0.11 2.60
C ALA B 102 20.11 -0.88 2.19
N HIS B 103 19.98 -2.09 2.72
CA HIS B 103 18.84 -2.95 2.40
C HIS B 103 18.29 -3.63 3.64
N LEU B 104 16.99 -3.92 3.60
CA LEU B 104 16.38 -4.67 4.67
C LEU B 104 16.63 -6.11 4.25
N GLY B 105 17.29 -6.87 5.11
CA GLY B 105 17.58 -8.26 4.79
C GLY B 105 16.32 -9.07 4.52
N TYR B 106 15.22 -8.70 5.15
CA TYR B 106 13.98 -9.45 4.97
C TYR B 106 13.50 -9.43 3.53
N ASP B 107 13.81 -8.36 2.81
CA ASP B 107 13.42 -8.26 1.41
C ASP B 107 13.95 -9.49 0.67
N PHE B 108 15.05 -10.05 1.15
CA PHE B 108 15.63 -11.24 0.52
C PHE B 108 15.27 -12.50 1.28
N PHE B 109 15.33 -12.42 2.61
CA PHE B 109 15.00 -13.53 3.48
C PHE B 109 13.61 -14.05 3.14
N LYS B 110 12.67 -13.15 2.85
CA LYS B 110 11.30 -13.58 2.55
C LYS B 110 11.14 -14.31 1.23
N GLN B 111 12.18 -14.29 0.40
CA GLN B 111 12.12 -14.97 -0.89
C GLN B 111 12.19 -16.49 -0.69
N LEU B 112 12.64 -16.90 0.50
CA LEU B 112 12.71 -18.31 0.84
C LEU B 112 11.46 -18.61 1.66
N LYS B 113 10.34 -18.82 0.98
CA LYS B 113 9.07 -19.08 1.69
C LYS B 113 9.13 -20.18 2.73
N ASP B 114 9.64 -21.35 2.34
CA ASP B 114 9.71 -22.47 3.27
C ASP B 114 10.57 -22.18 4.50
N PHE B 115 11.70 -21.52 4.31
CA PHE B 115 12.55 -21.22 5.45
C PHE B 115 11.97 -20.12 6.33
N ASN B 116 11.30 -19.16 5.70
CA ASN B 116 10.67 -18.05 6.42
C ASN B 116 9.63 -18.71 7.34
N ALA B 117 8.85 -19.62 6.78
CA ALA B 117 7.82 -20.32 7.55
C ALA B 117 8.46 -21.14 8.68
N TYR B 118 9.54 -21.84 8.35
CA TYR B 118 10.25 -22.66 9.33
C TYR B 118 10.75 -21.77 10.47
N PHE B 119 11.40 -20.66 10.13
CA PHE B 119 11.90 -19.75 11.15
C PHE B 119 10.78 -19.16 12.01
N LYS B 120 9.78 -18.60 11.35
CA LYS B 120 8.66 -17.97 12.04
C LYS B 120 7.93 -18.90 13.00
N PHE B 121 7.64 -20.11 12.55
CA PHE B 121 6.92 -21.04 13.40
C PHE B 121 7.69 -21.35 14.69
N HIS B 122 8.97 -21.66 14.54
CA HIS B 122 9.79 -21.99 15.71
C HIS B 122 10.08 -20.82 16.63
N GLU B 123 10.20 -19.62 16.07
CA GLU B 123 10.45 -18.44 16.89
C GLU B 123 9.17 -18.01 17.61
N ILE B 124 8.08 -17.88 16.87
CA ILE B 124 6.83 -17.45 17.46
C ILE B 124 6.28 -18.41 18.51
N TYR B 125 6.21 -19.67 18.14
CA TYR B 125 5.63 -20.66 19.03
C TYR B 125 6.55 -21.35 20.02
N PHE B 126 7.83 -21.43 19.69
CA PHE B 126 8.76 -22.12 20.57
C PHE B 126 9.94 -21.28 21.05
N ASN B 127 9.93 -20.01 20.70
CA ASN B 127 10.99 -19.09 21.10
C ASN B 127 12.38 -19.55 20.71
N GLN B 128 12.49 -20.18 19.54
CA GLN B 128 13.78 -20.63 19.04
C GLN B 128 14.22 -19.61 18.00
N ARG B 129 15.43 -19.09 18.15
CA ARG B 129 15.91 -18.07 17.22
C ARG B 129 17.23 -18.49 16.58
N ILE B 130 17.44 -18.07 15.34
CA ILE B 130 18.68 -18.41 14.64
C ILE B 130 19.68 -17.27 14.83
N THR B 131 20.96 -17.56 14.60
CA THR B 131 21.96 -16.53 14.75
C THR B 131 22.23 -15.90 13.37
N SER B 132 23.03 -14.84 13.35
CA SER B 132 23.34 -14.15 12.10
C SER B 132 23.98 -15.03 11.05
N GLY B 133 24.77 -16.00 11.48
CA GLY B 133 25.40 -16.89 10.53
C GLY B 133 24.36 -17.57 9.67
N VAL B 134 23.29 -18.06 10.32
CA VAL B 134 22.23 -18.73 9.60
C VAL B 134 21.42 -17.76 8.77
N TYR B 135 21.16 -16.57 9.32
CA TYR B 135 20.40 -15.54 8.61
C TYR B 135 21.11 -15.20 7.31
N MSE B 136 22.42 -15.01 7.38
CA MSE B 136 23.22 -14.69 6.22
C MSE B 136 23.20 -15.81 5.17
O MSE B 136 23.23 -15.55 3.96
CB MSE B 136 24.66 -14.37 6.62
CG MSE B 136 24.81 -13.02 7.33
SE MSE B 136 26.68 -12.56 7.62
CE MSE B 136 27.12 -13.87 8.94
N CYS B 137 23.14 -17.06 5.65
CA CYS B 137 23.07 -18.20 4.74
C CYS B 137 21.78 -18.14 3.96
N ALA B 138 20.70 -17.83 4.66
CA ALA B 138 19.40 -17.71 4.02
C ALA B 138 19.46 -16.60 2.97
N VAL B 139 19.97 -15.43 3.35
CA VAL B 139 20.06 -14.33 2.40
C VAL B 139 20.94 -14.70 1.20
N ALA B 140 22.02 -15.43 1.44
CA ALA B 140 22.91 -15.84 0.35
C ALA B 140 22.13 -16.70 -0.65
N ILE B 141 21.41 -17.68 -0.12
CA ILE B 141 20.61 -18.58 -0.96
C ILE B 141 19.59 -17.75 -1.74
N ALA B 142 18.94 -16.81 -1.07
CA ALA B 142 17.95 -15.95 -1.71
C ALA B 142 18.57 -15.08 -2.82
N LEU B 143 19.84 -14.72 -2.66
CA LEU B 143 20.53 -13.89 -3.66
C LEU B 143 21.02 -14.69 -4.86
N GLY B 144 20.89 -16.02 -4.81
CA GLY B 144 21.31 -16.85 -5.93
C GLY B 144 22.62 -17.60 -5.77
N TYR B 145 23.25 -17.53 -4.61
CA TYR B 145 24.52 -18.24 -4.42
C TYR B 145 24.30 -19.75 -4.41
N LYS B 146 25.26 -20.48 -4.96
CA LYS B 146 25.17 -21.93 -5.06
C LYS B 146 26.07 -22.67 -4.09
N GLU B 147 27.23 -22.08 -3.79
CA GLU B 147 28.16 -22.71 -2.87
C GLU B 147 28.45 -21.75 -1.72
N ILE B 148 28.22 -22.24 -0.51
CA ILE B 148 28.43 -21.43 0.68
C ILE B 148 29.46 -22.06 1.59
N TYR B 149 30.49 -21.28 1.95
CA TYR B 149 31.54 -21.76 2.83
C TYR B 149 31.42 -21.04 4.16
N LEU B 150 31.20 -21.81 5.23
CA LEU B 150 31.02 -21.25 6.57
C LEU B 150 32.28 -21.21 7.43
N SER B 151 32.44 -20.13 8.17
CA SER B 151 33.57 -19.95 9.06
C SER B 151 33.14 -19.05 10.20
N GLY B 152 33.90 -19.05 11.29
CA GLY B 152 33.57 -18.19 12.42
C GLY B 152 32.30 -18.54 13.15
N ILE B 153 31.73 -19.72 12.87
CA ILE B 153 30.51 -20.14 13.54
C ILE B 153 30.83 -21.31 14.49
N ASP B 154 30.83 -21.01 15.79
CA ASP B 154 31.15 -21.99 16.82
C ASP B 154 30.06 -22.20 17.88
N PHE B 155 28.89 -21.63 17.64
CA PHE B 155 27.76 -21.74 18.57
C PHE B 155 28.14 -21.33 19.98
N GLN B 168 35.95 -3.04 24.72
CA GLN B 168 35.20 -2.05 23.89
C GLN B 168 34.16 -1.33 24.73
N LYS B 169 34.59 -0.21 25.33
CA LYS B 169 33.71 0.58 26.19
C LYS B 169 32.40 0.97 25.50
N ASN B 170 32.47 1.39 24.25
CA ASN B 170 31.27 1.80 23.52
C ASN B 170 30.27 0.66 23.31
N LEU B 171 30.74 -0.49 22.85
CA LEU B 171 29.85 -1.62 22.64
C LEU B 171 29.18 -2.00 23.96
N LEU B 172 29.98 -2.03 25.02
CA LEU B 172 29.46 -2.39 26.34
C LEU B 172 28.45 -1.33 26.80
N LYS B 173 28.67 -0.09 26.35
CA LYS B 173 27.79 1.02 26.69
C LYS B 173 26.43 0.81 26.01
N LEU B 174 26.46 0.50 24.71
CA LEU B 174 25.25 0.27 23.93
C LEU B 174 24.58 -1.05 24.26
N ALA B 175 25.39 -2.08 24.46
CA ALA B 175 24.89 -3.41 24.78
C ALA B 175 25.51 -3.85 26.10
N PRO B 176 24.84 -3.55 27.22
CA PRO B 176 25.31 -3.91 28.57
C PRO B 176 25.56 -5.38 28.84
N ASN B 177 24.54 -6.22 28.63
CA ASN B 177 24.67 -7.65 28.89
C ASN B 177 25.52 -8.37 27.84
N PHE B 178 26.24 -7.60 27.02
CA PHE B 178 27.06 -8.19 25.98
C PHE B 178 28.19 -9.03 26.59
N HIS B 188 18.92 -18.38 21.23
CA HIS B 188 19.87 -19.08 20.32
C HIS B 188 20.35 -20.38 20.96
N SER B 189 20.79 -21.32 20.12
CA SER B 189 21.29 -22.60 20.58
C SER B 189 22.05 -23.28 19.45
N LYS B 190 22.85 -24.27 19.80
CA LYS B 190 23.62 -25.02 18.82
C LYS B 190 22.67 -25.80 17.94
N ASN B 191 21.75 -26.52 18.59
CA ASN B 191 20.75 -27.32 17.90
C ASN B 191 19.91 -26.53 16.90
N THR B 192 19.41 -25.38 17.33
CA THR B 192 18.58 -24.54 16.45
C THR B 192 19.30 -24.14 15.17
N ASP B 193 20.52 -23.63 15.30
CA ASP B 193 21.28 -23.21 14.12
C ASP B 193 21.55 -24.41 13.23
N ILE B 194 22.03 -25.50 13.83
CA ILE B 194 22.34 -26.71 13.07
C ILE B 194 21.12 -27.21 12.33
N LYS B 195 20.00 -27.31 13.03
CA LYS B 195 18.76 -27.77 12.44
C LYS B 195 18.34 -26.83 11.29
N ALA B 196 18.55 -25.53 11.50
CA ALA B 196 18.20 -24.54 10.48
C ALA B 196 19.06 -24.71 9.24
N LEU B 197 20.36 -24.90 9.45
CA LEU B 197 21.27 -25.08 8.33
C LEU B 197 20.92 -26.37 7.59
N GLU B 198 20.61 -27.42 8.35
CA GLU B 198 20.25 -28.70 7.76
C GLU B 198 19.00 -28.54 6.89
N PHE B 199 18.01 -27.80 7.39
CA PHE B 199 16.77 -27.55 6.65
C PHE B 199 17.07 -26.76 5.38
N LEU B 200 17.97 -25.79 5.51
CA LEU B 200 18.35 -24.94 4.39
C LEU B 200 18.98 -25.74 3.26
N GLU B 201 19.87 -26.66 3.61
CA GLU B 201 20.54 -27.47 2.61
C GLU B 201 19.63 -28.53 2.01
N LYS B 202 18.72 -29.05 2.83
CA LYS B 202 17.77 -30.06 2.37
C LYS B 202 16.69 -29.48 1.47
N THR B 203 16.33 -28.23 1.74
CA THR B 203 15.27 -27.57 0.99
C THR B 203 15.68 -26.86 -0.30
N TYR B 204 16.84 -26.24 -0.31
CA TYR B 204 17.26 -25.50 -1.49
C TYR B 204 18.41 -26.11 -2.26
N LYS B 205 18.56 -25.68 -3.50
CA LYS B 205 19.60 -26.18 -4.38
C LYS B 205 20.92 -25.46 -4.12
N ILE B 206 21.57 -25.81 -3.01
CA ILE B 206 22.85 -25.20 -2.67
C ILE B 206 23.74 -26.18 -1.93
N LYS B 207 25.04 -25.88 -1.92
CA LYS B 207 26.01 -26.72 -1.24
C LYS B 207 26.65 -25.95 -0.09
N LEU B 208 26.72 -26.58 1.07
CA LEU B 208 27.31 -25.97 2.25
C LEU B 208 28.65 -26.62 2.61
N TYR B 209 29.64 -25.79 2.92
CA TYR B 209 30.96 -26.27 3.29
C TYR B 209 31.43 -25.60 4.58
N CYS B 210 32.33 -26.27 5.27
CA CYS B 210 32.91 -25.78 6.52
C CYS B 210 34.39 -25.52 6.26
N LEU B 211 34.84 -24.28 6.47
CA LEU B 211 36.23 -23.92 6.24
C LEU B 211 37.10 -24.11 7.48
N CYS B 212 36.45 -24.42 8.59
CA CYS B 212 37.15 -24.61 9.84
C CYS B 212 36.99 -26.04 10.36
N PRO B 213 38.00 -26.90 10.10
CA PRO B 213 38.01 -28.30 10.53
C PRO B 213 38.15 -28.55 12.04
N ASN B 214 38.50 -27.52 12.80
CA ASN B 214 38.64 -27.67 14.24
C ASN B 214 37.46 -27.06 14.98
N SER B 215 36.41 -26.73 14.24
CA SER B 215 35.20 -26.15 14.83
C SER B 215 34.13 -27.22 14.92
N LEU B 216 33.25 -27.10 15.92
CA LEU B 216 32.17 -28.06 16.09
C LEU B 216 31.32 -28.14 14.84
N LEU B 217 31.28 -27.06 14.07
CA LEU B 217 30.51 -27.01 12.83
C LEU B 217 30.96 -28.13 11.90
N ALA B 218 32.21 -28.54 12.04
CA ALA B 218 32.78 -29.60 11.22
C ALA B 218 32.11 -30.95 11.46
N ASN B 219 31.45 -31.07 12.61
CA ASN B 219 30.76 -32.31 12.96
C ASN B 219 29.39 -32.39 12.30
N PHE B 220 29.01 -31.35 11.57
CA PHE B 220 27.70 -31.33 10.92
C PHE B 220 27.73 -30.94 9.46
N ILE B 221 28.71 -30.14 9.07
CA ILE B 221 28.82 -29.68 7.70
C ILE B 221 30.09 -30.21 7.03
N GLU B 222 29.94 -30.70 5.80
CA GLU B 222 31.07 -31.24 5.05
C GLU B 222 32.20 -30.22 4.93
N LEU B 223 33.42 -30.68 5.13
CA LEU B 223 34.58 -29.79 5.02
C LEU B 223 34.82 -29.36 3.59
N ALA B 224 35.22 -28.10 3.44
CA ALA B 224 35.51 -27.57 2.11
C ALA B 224 36.65 -28.39 1.54
N PRO B 225 36.55 -28.79 0.27
CA PRO B 225 37.62 -29.59 -0.33
C PRO B 225 38.96 -28.86 -0.31
N ASN B 226 40.03 -29.58 0.02
CA ASN B 226 41.35 -28.97 0.04
C ASN B 226 41.75 -28.68 -1.40
N LEU B 227 42.02 -27.42 -1.69
CA LEU B 227 42.40 -27.02 -3.05
C LEU B 227 43.86 -26.63 -3.12
N ASN B 228 44.59 -26.83 -2.03
CA ASN B 228 45.99 -26.47 -1.97
C ASN B 228 46.08 -25.00 -2.35
N SER B 229 45.21 -24.21 -1.74
CA SER B 229 45.17 -22.78 -1.98
C SER B 229 46.09 -22.02 -1.05
N ASN B 230 46.47 -20.83 -1.47
CA ASN B 230 47.35 -19.96 -0.68
C ASN B 230 46.59 -18.67 -0.41
N PHE B 231 46.87 -18.04 0.73
CA PHE B 231 46.21 -16.79 1.07
C PHE B 231 47.02 -16.03 2.10
N ILE B 232 47.38 -14.80 1.76
CA ILE B 232 48.16 -13.95 2.64
C ILE B 232 47.24 -13.24 3.63
N ILE B 233 47.46 -13.47 4.91
CA ILE B 233 46.65 -12.85 5.94
C ILE B 233 47.28 -11.51 6.31
N GLN B 234 46.68 -10.42 5.83
CA GLN B 234 47.19 -9.08 6.11
C GLN B 234 46.88 -8.65 7.53
N GLU B 235 47.86 -8.11 8.23
CA GLU B 235 47.63 -7.64 9.59
C GLU B 235 46.90 -6.31 9.52
N LYS B 236 46.40 -5.87 10.67
CA LYS B 236 45.68 -4.60 10.73
C LYS B 236 46.36 -3.68 11.73
N ASN B 237 46.41 -2.39 11.39
CA ASN B 237 47.04 -1.41 12.27
C ASN B 237 46.19 -0.16 12.37
N ASN B 238 46.20 0.47 13.55
CA ASN B 238 45.43 1.68 13.81
C ASN B 238 43.99 1.49 13.34
N TYR B 239 43.44 0.32 13.60
CA TYR B 239 42.10 0.03 13.16
C TYR B 239 40.99 0.25 14.18
N THR B 240 39.78 0.45 13.65
CA THR B 240 38.60 0.66 14.48
C THR B 240 38.30 -0.69 15.14
N LYS B 241 38.31 -0.71 16.47
CA LYS B 241 38.07 -1.96 17.21
C LYS B 241 36.95 -1.84 18.24
N ASP B 242 36.11 -0.82 18.06
CA ASP B 242 34.99 -0.60 18.94
C ASP B 242 33.93 0.11 18.11
N ILE B 243 32.67 -0.05 18.46
CA ILE B 243 31.61 0.60 17.71
C ILE B 243 31.61 2.09 18.05
N LEU B 244 31.28 2.93 17.07
CA LEU B 244 31.24 4.37 17.28
C LEU B 244 29.85 4.79 17.74
N ILE B 245 29.80 5.80 18.60
CA ILE B 245 28.52 6.28 19.11
C ILE B 245 28.17 7.66 18.56
N PRO B 246 27.06 7.74 17.80
CA PRO B 246 26.66 9.04 17.25
C PRO B 246 26.32 10.12 18.28
N SER B 247 26.29 11.37 17.82
CA SER B 247 26.00 12.53 18.66
C SER B 247 24.59 12.47 19.24
N SER B 248 24.37 13.22 20.30
CA SER B 248 23.06 13.26 20.94
C SER B 248 22.02 13.85 19.98
N GLU B 249 22.46 14.76 19.12
CA GLU B 249 21.56 15.39 18.15
C GLU B 249 21.13 14.34 17.13
N ALA B 250 22.07 13.49 16.74
CA ALA B 250 21.77 12.44 15.77
C ALA B 250 20.76 11.49 16.40
N TYR B 251 20.99 11.13 17.66
CA TYR B 251 20.09 10.23 18.38
C TYR B 251 18.70 10.86 18.50
N GLY B 252 18.66 12.17 18.71
CA GLY B 252 17.40 12.87 18.84
C GLY B 252 16.58 12.72 17.58
N LYS B 253 17.25 12.70 16.43
CA LYS B 253 16.57 12.57 15.15
C LYS B 253 16.11 11.15 14.83
N PHE B 254 16.77 10.16 15.44
CA PHE B 254 16.43 8.76 15.18
C PHE B 254 15.73 8.07 16.36
N SER B 255 15.53 8.82 17.44
CA SER B 255 14.90 8.27 18.65
C SER B 255 13.60 7.49 18.40
N LYS B 256 12.81 7.94 17.43
CA LYS B 256 11.55 7.29 17.10
C LYS B 256 11.75 5.87 16.55
N ASN B 257 12.94 5.60 16.02
CA ASN B 257 13.22 4.30 15.43
C ASN B 257 14.03 3.36 16.30
N ILE B 258 14.22 3.71 17.57
CA ILE B 258 14.99 2.87 18.48
C ILE B 258 14.11 2.43 19.66
N MSE C 1 -17.30 9.06 -27.55
CA MSE C 1 -18.12 7.82 -27.68
C MSE C 1 -19.61 8.14 -27.67
O MSE C 1 -20.05 9.09 -28.33
CB MSE C 1 -17.77 6.84 -26.54
CG MSE C 1 -17.92 7.44 -25.14
SE MSE C 1 -17.30 6.25 -23.73
CE MSE C 1 -18.92 5.26 -23.42
N LYS C 2 -20.38 7.34 -26.96
CA LYS C 2 -21.83 7.54 -26.84
C LYS C 2 -22.04 8.84 -26.08
N LYS C 3 -23.22 9.44 -26.19
CA LYS C 3 -23.49 10.68 -25.48
C LYS C 3 -23.94 10.35 -24.06
N VAL C 4 -23.90 11.34 -23.18
CA VAL C 4 -24.34 11.12 -21.81
C VAL C 4 -25.17 12.29 -21.31
N ILE C 5 -26.28 11.97 -20.65
CA ILE C 5 -27.13 12.98 -20.07
C ILE C 5 -26.83 12.93 -18.58
N ILE C 6 -26.42 14.07 -18.04
CA ILE C 6 -26.10 14.18 -16.63
C ILE C 6 -27.22 14.96 -15.99
N ALA C 7 -27.90 14.35 -15.02
CA ALA C 7 -29.01 15.01 -14.37
C ALA C 7 -28.86 15.27 -12.88
N GLY C 8 -29.06 16.53 -12.50
CA GLY C 8 -29.05 16.90 -11.11
C GLY C 8 -30.51 16.72 -10.77
N ASN C 9 -30.94 17.08 -9.57
CA ASN C 9 -32.34 16.92 -9.23
C ASN C 9 -33.08 18.24 -9.02
N GLY C 10 -32.57 19.29 -9.66
CA GLY C 10 -33.20 20.60 -9.55
C GLY C 10 -34.55 20.59 -10.24
N PRO C 11 -35.36 21.65 -10.09
CA PRO C 11 -36.67 21.67 -10.74
C PRO C 11 -36.65 21.54 -12.27
N SER C 12 -35.56 21.94 -12.91
CA SER C 12 -35.48 21.85 -14.36
C SER C 12 -35.54 20.40 -14.85
N LEU C 13 -35.32 19.45 -13.95
CA LEU C 13 -35.38 18.03 -14.30
C LEU C 13 -36.76 17.72 -14.89
N LYS C 14 -37.77 18.42 -14.41
CA LYS C 14 -39.13 18.23 -14.87
C LYS C 14 -39.47 19.14 -16.06
N GLU C 15 -38.49 19.92 -16.51
CA GLU C 15 -38.72 20.83 -17.62
C GLU C 15 -37.79 20.61 -18.80
N ILE C 16 -37.48 19.34 -19.09
CA ILE C 16 -36.62 19.02 -20.20
C ILE C 16 -37.41 19.15 -21.51
N ASP C 17 -36.80 19.75 -22.52
CA ASP C 17 -37.45 19.86 -23.83
C ASP C 17 -36.98 18.60 -24.53
N TYR C 18 -37.84 17.60 -24.59
CA TYR C 18 -37.46 16.33 -25.18
C TYR C 18 -37.22 16.32 -26.69
N SER C 19 -37.60 17.39 -27.36
CA SER C 19 -37.37 17.47 -28.81
C SER C 19 -35.87 17.60 -29.03
N ARG C 20 -35.17 18.00 -27.97
CA ARG C 20 -33.72 18.18 -28.01
C ARG C 20 -32.98 16.98 -27.42
N LEU C 21 -33.71 15.92 -27.11
CA LEU C 21 -33.08 14.74 -26.54
C LEU C 21 -32.22 14.09 -27.60
N PRO C 22 -30.92 13.89 -27.31
CA PRO C 22 -30.03 13.28 -28.29
C PRO C 22 -30.36 11.82 -28.54
N ASN C 23 -29.82 11.28 -29.62
CA ASN C 23 -30.05 9.88 -29.98
C ASN C 23 -28.91 9.06 -29.37
N ASP C 24 -29.25 7.89 -28.83
CA ASP C 24 -28.24 7.01 -28.24
C ASP C 24 -27.42 7.72 -27.15
N PHE C 25 -27.84 7.54 -25.90
CA PHE C 25 -27.17 8.18 -24.78
C PHE C 25 -27.19 7.32 -23.52
N ASP C 26 -26.31 7.66 -22.58
CA ASP C 26 -26.26 6.99 -21.28
C ASP C 26 -26.78 8.03 -20.29
N VAL C 27 -27.24 7.57 -19.13
CA VAL C 27 -27.76 8.48 -18.11
C VAL C 27 -27.04 8.36 -16.78
N PHE C 28 -26.65 9.51 -16.23
CA PHE C 28 -25.98 9.62 -14.93
C PHE C 28 -26.97 10.29 -13.98
N ARG C 29 -27.26 9.65 -12.85
CA ARG C 29 -28.18 10.24 -11.86
C ARG C 29 -27.46 10.35 -10.53
N CYS C 30 -27.98 11.15 -9.61
CA CYS C 30 -27.31 11.28 -8.32
C CYS C 30 -28.25 11.43 -7.13
N ASN C 31 -27.72 11.08 -5.96
CA ASN C 31 -28.43 11.21 -4.70
C ASN C 31 -29.89 10.75 -4.71
N GLN C 32 -30.82 11.62 -4.32
CA GLN C 32 -32.25 11.24 -4.28
C GLN C 32 -32.95 11.31 -5.62
N PHE C 33 -32.29 10.84 -6.68
CA PHE C 33 -32.89 10.87 -8.00
C PHE C 33 -34.22 10.12 -8.07
N TYR C 34 -34.30 9.02 -7.33
CA TYR C 34 -35.49 8.18 -7.31
C TYR C 34 -36.74 8.84 -6.73
N PHE C 35 -36.56 10.02 -6.12
CA PHE C 35 -37.69 10.75 -5.57
C PHE C 35 -38.57 11.29 -6.71
N GLU C 36 -38.02 11.33 -7.93
CA GLU C 36 -38.75 11.84 -9.08
C GLU C 36 -40.11 11.14 -9.20
N ASP C 37 -41.15 11.91 -9.51
CA ASP C 37 -42.51 11.38 -9.62
C ASP C 37 -42.82 10.68 -10.95
N LYS C 38 -41.94 10.86 -11.92
CA LYS C 38 -42.09 10.22 -13.24
C LYS C 38 -40.69 9.86 -13.68
N TYR C 39 -40.56 8.97 -14.65
CA TYR C 39 -39.23 8.60 -15.13
C TYR C 39 -38.78 9.59 -16.19
N TYR C 40 -38.44 10.80 -15.75
CA TYR C 40 -38.01 11.85 -16.66
C TYR C 40 -36.87 11.48 -17.60
N LEU C 41 -36.05 10.52 -17.20
CA LEU C 41 -34.94 10.10 -18.05
C LEU C 41 -34.84 8.58 -18.19
N GLY C 42 -35.96 7.90 -17.93
CA GLY C 42 -35.98 6.46 -18.04
C GLY C 42 -35.52 5.73 -16.79
N LYS C 43 -35.70 4.42 -16.79
CA LYS C 43 -35.34 3.58 -15.64
C LYS C 43 -33.89 3.11 -15.69
N LYS C 44 -33.28 3.16 -16.86
CA LYS C 44 -31.90 2.70 -17.03
C LYS C 44 -30.83 3.76 -16.83
N CYS C 45 -29.98 3.55 -15.83
CA CYS C 45 -28.90 4.48 -15.53
C CYS C 45 -27.59 3.82 -15.90
N LYS C 46 -26.66 4.59 -16.46
CA LYS C 46 -25.35 4.04 -16.78
C LYS C 46 -24.62 4.06 -15.43
N ALA C 47 -24.84 5.14 -14.68
CA ALA C 47 -24.20 5.30 -13.38
C ALA C 47 -25.05 6.14 -12.43
N VAL C 48 -24.95 5.85 -11.14
CA VAL C 48 -25.64 6.62 -10.12
C VAL C 48 -24.54 7.04 -9.14
N PHE C 49 -24.62 8.29 -8.68
CA PHE C 49 -23.63 8.83 -7.77
C PHE C 49 -24.21 9.19 -6.41
N TYR C 50 -23.51 8.80 -5.35
CA TYR C 50 -23.95 9.10 -3.99
C TYR C 50 -22.80 9.70 -3.20
N ASN C 51 -23.10 10.68 -2.36
CA ASN C 51 -22.08 11.32 -1.53
C ASN C 51 -21.67 10.35 -0.43
N PRO C 52 -20.40 10.43 0.03
CA PRO C 52 -19.92 9.54 1.09
C PRO C 52 -20.77 9.60 2.36
N SER C 53 -21.25 10.79 2.71
CA SER C 53 -22.05 10.96 3.92
C SER C 53 -23.25 10.04 4.04
N LEU C 54 -23.87 9.70 2.90
CA LEU C 54 -25.03 8.82 2.93
C LEU C 54 -24.90 7.61 2.03
N PHE C 55 -23.68 7.28 1.62
CA PHE C 55 -23.48 6.14 0.73
C PHE C 55 -24.03 4.85 1.34
N PHE C 56 -23.78 4.66 2.62
CA PHE C 56 -24.22 3.47 3.34
C PHE C 56 -25.73 3.23 3.13
N GLU C 57 -26.53 4.27 3.36
CA GLU C 57 -27.99 4.16 3.19
C GLU C 57 -28.44 4.14 1.73
N GLN C 58 -27.76 4.89 0.87
CA GLN C 58 -28.14 4.94 -0.54
C GLN C 58 -27.86 3.61 -1.23
N TYR C 59 -26.79 2.93 -0.83
CA TYR C 59 -26.45 1.64 -1.41
C TYR C 59 -27.56 0.66 -1.05
N TYR C 60 -27.92 0.65 0.23
CA TYR C 60 -28.98 -0.20 0.77
C TYR C 60 -30.24 0.04 -0.06
N THR C 61 -30.60 1.32 -0.19
CA THR C 61 -31.79 1.72 -0.92
C THR C 61 -31.74 1.32 -2.39
N LEU C 62 -30.60 1.53 -3.03
CA LEU C 62 -30.43 1.18 -4.42
C LEU C 62 -30.75 -0.29 -4.67
N LYS C 63 -30.25 -1.17 -3.80
CA LYS C 63 -30.49 -2.58 -3.94
C LYS C 63 -31.99 -2.86 -3.93
N HIS C 64 -32.73 -2.11 -3.13
CA HIS C 64 -34.18 -2.31 -3.09
C HIS C 64 -34.80 -1.81 -4.39
N LEU C 65 -34.35 -0.65 -4.87
CA LEU C 65 -34.86 -0.08 -6.12
C LEU C 65 -34.67 -1.08 -7.25
N ILE C 66 -33.52 -1.75 -7.26
CA ILE C 66 -33.22 -2.71 -8.30
C ILE C 66 -34.11 -3.95 -8.17
N GLN C 67 -34.23 -4.47 -6.95
CA GLN C 67 -35.05 -5.66 -6.70
C GLN C 67 -36.51 -5.37 -7.08
N ASN C 68 -36.96 -4.16 -6.78
CA ASN C 68 -38.33 -3.74 -7.08
C ASN C 68 -38.50 -3.45 -8.56
N GLN C 69 -37.41 -3.50 -9.30
CA GLN C 69 -37.42 -3.24 -10.73
C GLN C 69 -37.80 -1.79 -11.04
N GLU C 70 -37.49 -0.89 -10.12
CA GLU C 70 -37.79 0.53 -10.31
C GLU C 70 -36.73 1.21 -11.16
N TYR C 71 -35.48 0.76 -11.00
CA TYR C 71 -34.38 1.29 -11.78
C TYR C 71 -33.32 0.22 -11.93
N GLU C 72 -32.39 0.49 -12.82
CA GLU C 72 -31.27 -0.40 -13.03
C GLU C 72 -30.10 0.52 -13.32
N THR C 73 -28.92 0.11 -12.88
CA THR C 73 -27.73 0.89 -13.12
C THR C 73 -26.55 -0.04 -13.33
N GLU C 74 -25.64 0.38 -14.19
CA GLU C 74 -24.48 -0.44 -14.48
C GLU C 74 -23.40 -0.14 -13.44
N LEU C 75 -23.24 1.13 -13.12
CA LEU C 75 -22.22 1.55 -12.18
C LEU C 75 -22.80 2.22 -10.94
N ILE C 76 -22.09 2.07 -9.82
CA ILE C 76 -22.47 2.69 -8.56
C ILE C 76 -21.24 3.47 -8.14
N MSE C 77 -21.37 4.80 -8.11
CA MSE C 77 -20.26 5.68 -7.78
C MSE C 77 -20.38 6.42 -6.47
O MSE C 77 -21.46 6.86 -6.10
CB MSE C 77 -20.11 6.73 -8.88
CG MSE C 77 -19.80 6.17 -10.25
SE MSE C 77 -17.88 6.09 -10.48
CE MSE C 77 -17.86 5.31 -12.25
N CYS C 78 -19.27 6.56 -5.76
CA CYS C 78 -19.27 7.32 -4.52
C CYS C 78 -18.46 8.58 -4.83
N SER C 79 -19.09 9.74 -4.65
CA SER C 79 -18.46 11.02 -4.96
C SER C 79 -17.46 11.50 -3.91
N ASN C 80 -16.28 10.88 -3.92
CA ASN C 80 -15.25 11.24 -2.96
C ASN C 80 -14.13 12.07 -3.59
N TYR C 81 -13.35 12.73 -2.72
CA TYR C 81 -12.26 13.61 -3.15
C TYR C 81 -10.92 13.32 -2.51
N ASN C 82 -10.87 12.32 -1.63
CA ASN C 82 -9.64 11.98 -0.90
C ASN C 82 -9.22 13.20 -0.06
N GLN C 83 -10.17 13.73 0.70
CA GLN C 83 -9.93 14.87 1.57
C GLN C 83 -10.52 14.54 2.93
N ALA C 84 -9.68 14.59 3.97
CA ALA C 84 -10.12 14.25 5.32
C ALA C 84 -11.29 15.09 5.82
N HIS C 85 -11.39 16.33 5.38
CA HIS C 85 -12.50 17.17 5.86
C HIS C 85 -13.77 17.02 5.05
N LEU C 86 -13.70 16.23 3.98
CA LEU C 86 -14.88 16.02 3.14
C LEU C 86 -15.50 14.65 3.31
N GLU C 87 -14.71 13.65 3.69
CA GLU C 87 -15.24 12.32 3.87
C GLU C 87 -14.45 11.50 4.88
N ASN C 88 -15.05 10.42 5.38
CA ASN C 88 -14.42 9.56 6.37
C ASN C 88 -13.26 8.80 5.72
N GLU C 89 -12.08 8.88 6.32
CA GLU C 89 -10.89 8.22 5.78
C GLU C 89 -10.99 6.70 5.74
N ASN C 90 -11.41 6.09 6.85
CA ASN C 90 -11.52 4.62 6.85
C ASN C 90 -12.57 4.16 5.84
N PHE C 91 -13.61 4.98 5.64
CA PHE C 91 -14.67 4.64 4.69
C PHE C 91 -14.05 4.46 3.29
N VAL C 92 -13.20 5.41 2.91
CA VAL C 92 -12.55 5.34 1.61
C VAL C 92 -11.55 4.19 1.54
N LYS C 93 -10.77 4.03 2.60
CA LYS C 93 -9.77 2.96 2.66
C LYS C 93 -10.37 1.56 2.46
N THR C 94 -11.49 1.29 3.12
CA THR C 94 -12.12 -0.02 3.05
C THR C 94 -13.30 -0.13 2.08
N PHE C 95 -13.55 0.94 1.33
CA PHE C 95 -14.67 0.97 0.40
C PHE C 95 -14.91 -0.27 -0.44
N TYR C 96 -13.90 -0.69 -1.20
CA TYR C 96 -14.05 -1.84 -2.06
C TYR C 96 -14.31 -3.17 -1.38
N ASP C 97 -14.06 -3.25 -0.08
CA ASP C 97 -14.31 -4.49 0.63
C ASP C 97 -15.71 -4.53 1.23
N TYR C 98 -16.32 -3.36 1.39
CA TYR C 98 -17.70 -3.31 1.91
C TYR C 98 -18.68 -3.22 0.75
N PHE C 99 -18.23 -2.66 -0.37
CA PHE C 99 -19.08 -2.51 -1.56
C PHE C 99 -18.30 -2.97 -2.78
N PRO C 100 -18.08 -4.30 -2.91
CA PRO C 100 -17.33 -4.90 -4.02
C PRO C 100 -17.76 -4.55 -5.43
N ASP C 101 -19.04 -4.22 -5.62
CA ASP C 101 -19.54 -3.90 -6.95
C ASP C 101 -19.69 -2.40 -7.22
N ALA C 102 -19.14 -1.57 -6.34
CA ALA C 102 -19.21 -0.13 -6.51
C ALA C 102 -17.83 0.46 -6.83
N HIS C 103 -17.79 1.76 -7.09
CA HIS C 103 -16.54 2.44 -7.39
C HIS C 103 -16.39 3.74 -6.65
N LEU C 104 -15.13 4.08 -6.34
CA LEU C 104 -14.81 5.33 -5.70
C LEU C 104 -14.70 6.29 -6.90
N GLY C 105 -15.52 7.35 -6.90
CA GLY C 105 -15.48 8.29 -8.00
C GLY C 105 -14.14 8.98 -8.18
N TYR C 106 -13.40 9.13 -7.09
CA TYR C 106 -12.10 9.79 -7.17
C TYR C 106 -11.15 9.02 -8.07
N ASP C 107 -11.37 7.71 -8.19
CA ASP C 107 -10.54 6.88 -9.06
C ASP C 107 -10.55 7.43 -10.49
N PHE C 108 -11.65 8.09 -10.85
CA PHE C 108 -11.79 8.66 -12.19
C PHE C 108 -11.56 10.16 -12.17
N PHE C 109 -12.13 10.81 -11.18
CA PHE C 109 -12.01 12.25 -11.01
C PHE C 109 -10.54 12.66 -11.02
N LYS C 110 -9.69 11.88 -10.35
CA LYS C 110 -8.27 12.23 -10.29
C LYS C 110 -7.53 12.09 -11.61
N GLN C 111 -8.16 11.44 -12.59
CA GLN C 111 -7.54 11.29 -13.91
C GLN C 111 -7.47 12.65 -14.60
N LEU C 112 -8.31 13.58 -14.15
CA LEU C 112 -8.32 14.92 -14.70
C LEU C 112 -7.48 15.77 -13.77
N LYS C 113 -6.16 15.69 -13.93
CA LYS C 113 -5.24 16.42 -13.07
C LYS C 113 -5.53 17.92 -12.95
N ASP C 114 -5.70 18.59 -14.09
CA ASP C 114 -5.96 20.02 -14.09
C ASP C 114 -7.23 20.42 -13.32
N PHE C 115 -8.29 19.63 -13.45
CA PHE C 115 -9.52 19.95 -12.75
C PHE C 115 -9.43 19.59 -11.28
N ASN C 116 -8.78 18.48 -10.98
CA ASN C 116 -8.62 18.06 -9.58
C ASN C 116 -7.91 19.22 -8.87
N ALA C 117 -6.88 19.75 -9.51
CA ALA C 117 -6.11 20.86 -8.93
C ALA C 117 -7.01 22.09 -8.78
N TYR C 118 -7.82 22.33 -9.80
CA TYR C 118 -8.73 23.47 -9.80
C TYR C 118 -9.71 23.35 -8.64
N PHE C 119 -10.34 22.17 -8.53
CA PHE C 119 -11.31 21.92 -7.45
C PHE C 119 -10.69 22.06 -6.06
N LYS C 120 -9.57 21.37 -5.85
CA LYS C 120 -8.90 21.40 -4.55
C LYS C 120 -8.48 22.80 -4.12
N PHE C 121 -7.91 23.57 -5.04
CA PHE C 121 -7.47 24.91 -4.67
C PHE C 121 -8.62 25.80 -4.19
N HIS C 122 -9.73 25.80 -4.92
CA HIS C 122 -10.87 26.62 -4.53
C HIS C 122 -11.59 26.14 -3.29
N GLU C 123 -11.62 24.83 -3.07
CA GLU C 123 -12.30 24.30 -1.90
C GLU C 123 -11.45 24.50 -0.66
N ILE C 124 -10.17 24.16 -0.74
CA ILE C 124 -9.26 24.29 0.38
C ILE C 124 -9.05 25.75 0.82
N TYR C 125 -8.69 26.59 -0.13
CA TYR C 125 -8.41 27.98 0.19
C TYR C 125 -9.56 28.98 0.13
N PHE C 126 -10.60 28.68 -0.66
CA PHE C 126 -11.71 29.62 -0.75
C PHE C 126 -13.06 29.08 -0.33
N ASN C 127 -13.07 27.84 0.13
CA ASN C 127 -14.29 27.18 0.59
C ASN C 127 -15.35 27.06 -0.49
N GLN C 128 -14.92 27.05 -1.75
CA GLN C 128 -15.85 26.92 -2.85
C GLN C 128 -15.93 25.45 -3.22
N ARG C 129 -17.13 24.89 -3.21
CA ARG C 129 -17.30 23.48 -3.53
C ARG C 129 -18.27 23.30 -4.69
N ILE C 130 -17.92 22.44 -5.63
CA ILE C 130 -18.78 22.18 -6.78
C ILE C 130 -19.88 21.23 -6.36
N THR C 131 -21.00 21.25 -7.09
CA THR C 131 -22.09 20.35 -6.77
C THR C 131 -21.88 19.02 -7.49
N SER C 132 -22.67 18.01 -7.10
CA SER C 132 -22.56 16.69 -7.71
C SER C 132 -22.73 16.73 -9.21
N GLY C 133 -23.53 17.67 -9.69
CA GLY C 133 -23.76 17.79 -11.12
C GLY C 133 -22.44 18.01 -11.83
N VAL C 134 -21.58 18.84 -11.24
CA VAL C 134 -20.30 19.11 -11.87
C VAL C 134 -19.33 17.96 -11.65
N TYR C 135 -19.40 17.33 -10.48
CA TYR C 135 -18.53 16.19 -10.19
C TYR C 135 -18.83 15.09 -11.21
N MSE C 136 -20.11 14.88 -11.51
CA MSE C 136 -20.46 13.84 -12.48
C MSE C 136 -19.92 14.16 -13.87
O MSE C 136 -19.56 13.26 -14.62
CB MSE C 136 -21.98 13.65 -12.53
CG MSE C 136 -22.53 12.93 -11.32
SE MSE C 136 -24.43 12.52 -11.54
CE MSE C 136 -25.08 14.31 -11.48
N CYS C 137 -19.87 15.44 -14.21
CA CYS C 137 -19.36 15.85 -15.51
C CYS C 137 -17.89 15.46 -15.59
N ALA C 138 -17.14 15.77 -14.54
CA ALA C 138 -15.72 15.42 -14.50
C ALA C 138 -15.52 13.91 -14.68
N VAL C 139 -16.28 13.11 -13.92
CA VAL C 139 -16.14 11.67 -14.03
C VAL C 139 -16.54 11.19 -15.42
N ALA C 140 -17.55 11.81 -16.02
CA ALA C 140 -17.98 11.41 -17.37
C ALA C 140 -16.84 11.68 -18.36
N ILE C 141 -16.22 12.85 -18.25
CA ILE C 141 -15.10 13.22 -19.11
C ILE C 141 -13.96 12.24 -18.92
N ALA C 142 -13.69 11.90 -17.66
CA ALA C 142 -12.61 10.95 -17.35
C ALA C 142 -12.91 9.59 -17.95
N LEU C 143 -14.20 9.24 -18.04
CA LEU C 143 -14.60 7.96 -18.59
C LEU C 143 -14.58 7.95 -20.11
N GLY C 144 -14.33 9.10 -20.72
CA GLY C 144 -14.28 9.14 -22.17
C GLY C 144 -15.41 9.82 -22.91
N TYR C 145 -16.47 10.21 -22.22
CA TYR C 145 -17.60 10.89 -22.88
C TYR C 145 -17.16 12.21 -23.49
N LYS C 146 -17.65 12.50 -24.70
CA LYS C 146 -17.28 13.73 -25.41
C LYS C 146 -18.39 14.77 -25.52
N GLU C 147 -19.65 14.32 -25.49
CA GLU C 147 -20.80 15.20 -25.59
C GLU C 147 -21.66 15.01 -24.34
N ILE C 148 -21.68 16.04 -23.50
CA ILE C 148 -22.42 16.00 -22.24
C ILE C 148 -23.64 16.91 -22.25
N TYR C 149 -24.79 16.32 -21.99
CA TYR C 149 -26.07 17.03 -21.95
C TYR C 149 -26.46 17.19 -20.50
N LEU C 150 -26.66 18.44 -20.08
CA LEU C 150 -27.00 18.74 -18.69
C LEU C 150 -28.47 19.02 -18.47
N SER C 151 -28.96 18.60 -17.31
CA SER C 151 -30.34 18.82 -16.89
C SER C 151 -30.40 18.74 -15.37
N GLY C 152 -31.45 19.31 -14.77
CA GLY C 152 -31.59 19.27 -13.33
C GLY C 152 -30.57 20.06 -12.55
N ILE C 153 -29.86 20.97 -13.22
CA ILE C 153 -28.85 21.79 -12.57
C ILE C 153 -29.37 23.22 -12.58
N ASP C 154 -29.83 23.67 -11.40
CA ASP C 154 -30.40 25.01 -11.28
C ASP C 154 -29.73 25.93 -10.28
N PHE C 155 -28.57 25.54 -9.78
CA PHE C 155 -27.82 26.36 -8.83
C PHE C 155 -28.63 26.80 -7.62
N TYR C 156 -29.71 26.09 -7.34
CA TYR C 156 -30.57 26.42 -6.19
C TYR C 156 -31.11 27.83 -6.27
N SER C 161 -34.68 24.09 -3.74
CA SER C 161 -35.85 23.39 -4.36
C SER C 161 -35.42 22.21 -5.20
N TYR C 162 -36.36 21.30 -5.47
CA TYR C 162 -36.08 20.11 -6.26
C TYR C 162 -37.22 19.83 -7.22
N ALA C 163 -37.00 18.86 -8.11
CA ALA C 163 -38.03 18.49 -9.08
C ALA C 163 -39.02 17.55 -8.40
N PHE C 164 -39.01 17.56 -7.08
CA PHE C 164 -39.89 16.72 -6.27
C PHE C 164 -39.82 17.19 -4.82
N ASP C 165 -40.71 16.65 -3.98
CA ASP C 165 -40.72 17.00 -2.57
C ASP C 165 -39.67 16.13 -1.90
N THR C 166 -38.58 16.75 -1.44
CA THR C 166 -37.51 16.01 -0.79
C THR C 166 -37.70 15.93 0.72
N LYS C 167 -38.78 16.54 1.21
CA LYS C 167 -39.08 16.54 2.64
C LYS C 167 -39.67 15.21 3.09
N GLN C 168 -38.84 14.17 3.09
CA GLN C 168 -39.27 12.83 3.48
C GLN C 168 -38.80 12.46 4.88
N LYS C 169 -39.61 11.67 5.57
CA LYS C 169 -39.31 11.23 6.94
C LYS C 169 -37.90 10.66 7.11
N ASN C 170 -37.61 9.54 6.47
CA ASN C 170 -36.31 8.90 6.61
C ASN C 170 -35.15 9.83 6.24
N LEU C 171 -35.29 10.57 5.14
CA LEU C 171 -34.25 11.50 4.71
C LEU C 171 -34.05 12.60 5.73
N LEU C 172 -35.16 13.10 6.28
CA LEU C 172 -35.10 14.17 7.28
C LEU C 172 -34.40 13.67 8.54
N LYS C 173 -34.63 12.41 8.88
CA LYS C 173 -34.01 11.82 10.05
C LYS C 173 -32.50 11.71 9.86
N LEU C 174 -32.08 11.49 8.62
CA LEU C 174 -30.66 11.36 8.30
C LEU C 174 -29.96 12.69 8.09
N ALA C 175 -30.61 13.62 7.40
CA ALA C 175 -30.02 14.93 7.14
C ALA C 175 -31.02 16.07 7.33
N PRO C 176 -31.26 16.48 8.58
CA PRO C 176 -32.20 17.56 8.89
C PRO C 176 -31.85 18.88 8.17
N GLY C 187 -20.08 26.85 0.44
CA GLY C 187 -19.60 27.23 -0.91
C GLY C 187 -20.69 27.20 -1.96
N HIS C 188 -20.60 26.26 -2.89
CA HIS C 188 -21.58 26.10 -3.96
C HIS C 188 -21.69 27.33 -4.85
N SER C 189 -22.84 28.00 -4.82
CA SER C 189 -23.10 29.19 -5.62
C SER C 189 -23.16 28.84 -7.10
N LYS C 190 -23.89 29.65 -7.86
CA LYS C 190 -24.04 29.44 -9.29
C LYS C 190 -22.72 29.68 -10.00
N ASN C 191 -22.01 30.72 -9.59
CA ASN C 191 -20.74 31.06 -10.22
C ASN C 191 -19.71 29.93 -10.15
N THR C 192 -19.55 29.34 -8.97
CA THR C 192 -18.59 28.24 -8.81
C THR C 192 -18.87 27.11 -9.78
N ASP C 193 -20.12 26.66 -9.84
CA ASP C 193 -20.49 25.58 -10.75
C ASP C 193 -20.29 25.94 -12.21
N ILE C 194 -20.71 27.15 -12.58
CA ILE C 194 -20.57 27.63 -13.94
C ILE C 194 -19.11 27.76 -14.34
N LYS C 195 -18.31 28.34 -13.46
CA LYS C 195 -16.89 28.50 -13.75
C LYS C 195 -16.23 27.13 -13.86
N ALA C 196 -16.65 26.19 -13.02
CA ALA C 196 -16.10 24.84 -13.06
C ALA C 196 -16.46 24.14 -14.36
N LEU C 197 -17.69 24.32 -14.82
CA LEU C 197 -18.12 23.69 -16.07
C LEU C 197 -17.36 24.25 -17.26
N GLU C 198 -17.16 25.57 -17.27
CA GLU C 198 -16.44 26.22 -18.36
C GLU C 198 -15.00 25.70 -18.41
N PHE C 199 -14.40 25.58 -17.22
CA PHE C 199 -13.03 25.10 -17.12
C PHE C 199 -12.94 23.69 -17.70
N LEU C 200 -13.91 22.84 -17.33
CA LEU C 200 -13.93 21.47 -17.83
C LEU C 200 -14.05 21.42 -19.35
N GLU C 201 -15.00 22.19 -19.89
CA GLU C 201 -15.23 22.20 -21.33
C GLU C 201 -14.01 22.67 -22.10
N LYS C 202 -13.41 23.76 -21.63
CA LYS C 202 -12.25 24.35 -22.28
C LYS C 202 -11.02 23.46 -22.17
N THR C 203 -10.71 23.03 -20.95
CA THR C 203 -9.55 22.19 -20.70
C THR C 203 -9.52 20.83 -21.38
N TYR C 204 -10.64 20.13 -21.38
CA TYR C 204 -10.71 18.79 -21.96
C TYR C 204 -11.35 18.69 -23.33
N LYS C 205 -11.60 19.84 -23.94
CA LYS C 205 -12.18 19.91 -25.27
C LYS C 205 -13.36 18.97 -25.49
N ILE C 206 -14.35 19.09 -24.61
CA ILE C 206 -15.56 18.29 -24.73
C ILE C 206 -16.67 19.28 -25.06
N LYS C 207 -17.89 18.79 -25.27
CA LYS C 207 -18.99 19.68 -25.60
C LYS C 207 -20.13 19.57 -24.60
N LEU C 208 -20.52 20.70 -24.04
CA LEU C 208 -21.63 20.75 -23.10
C LEU C 208 -22.86 21.30 -23.78
N TYR C 209 -24.02 20.73 -23.45
CA TYR C 209 -25.30 21.16 -23.99
C TYR C 209 -26.31 21.22 -22.84
N CYS C 210 -27.27 22.13 -22.95
CA CYS C 210 -28.30 22.30 -21.94
C CYS C 210 -29.61 21.75 -22.49
N LEU C 211 -30.24 20.85 -21.75
CA LEU C 211 -31.51 20.25 -22.19
C LEU C 211 -32.72 20.96 -21.62
N CYS C 212 -32.48 21.93 -20.74
CA CYS C 212 -33.54 22.66 -20.08
C CYS C 212 -33.51 24.15 -20.44
N PRO C 213 -34.21 24.53 -21.51
CA PRO C 213 -34.27 25.93 -21.98
C PRO C 213 -34.76 26.97 -20.97
N ASN C 214 -35.51 26.53 -19.96
CA ASN C 214 -36.02 27.48 -18.96
C ASN C 214 -35.19 27.55 -17.69
N SER C 215 -34.09 26.81 -17.66
CA SER C 215 -33.21 26.81 -16.50
C SER C 215 -32.23 27.96 -16.62
N LEU C 216 -31.78 28.47 -15.48
CA LEU C 216 -30.82 29.57 -15.46
C LEU C 216 -29.53 29.11 -16.14
N LEU C 217 -29.36 27.80 -16.25
CA LEU C 217 -28.19 27.20 -16.86
C LEU C 217 -28.15 27.51 -18.36
N ALA C 218 -29.34 27.72 -18.95
CA ALA C 218 -29.44 28.02 -20.37
C ALA C 218 -28.82 29.36 -20.72
N ASN C 219 -28.51 30.16 -19.70
CA ASN C 219 -27.90 31.46 -19.94
C ASN C 219 -26.41 31.32 -20.16
N PHE C 220 -25.85 30.16 -19.78
CA PHE C 220 -24.43 29.95 -19.90
C PHE C 220 -24.00 28.85 -20.86
N ILE C 221 -24.79 27.78 -20.95
CA ILE C 221 -24.46 26.66 -21.82
C ILE C 221 -25.38 26.55 -23.03
N GLU C 222 -24.77 26.30 -24.19
CA GLU C 222 -25.53 26.17 -25.42
C GLU C 222 -26.65 25.16 -25.24
N LEU C 223 -27.79 25.47 -25.86
CA LEU C 223 -28.95 24.60 -25.81
C LEU C 223 -28.71 23.37 -26.68
N ALA C 224 -29.14 22.21 -26.23
CA ALA C 224 -28.98 20.99 -27.01
C ALA C 224 -29.77 21.18 -28.29
N PRO C 225 -29.15 20.88 -29.45
CA PRO C 225 -29.85 21.05 -30.73
C PRO C 225 -31.21 20.34 -30.79
N ASN C 226 -32.15 20.96 -31.48
CA ASN C 226 -33.48 20.39 -31.62
C ASN C 226 -33.40 19.29 -32.69
N LEU C 227 -33.78 18.07 -32.32
CA LEU C 227 -33.75 16.96 -33.27
C LEU C 227 -35.15 16.45 -33.56
N ASN C 228 -36.16 17.19 -33.10
CA ASN C 228 -37.54 16.77 -33.30
C ASN C 228 -37.70 15.41 -32.64
N SER C 229 -36.88 15.16 -31.61
CA SER C 229 -36.93 13.89 -30.89
C SER C 229 -38.19 13.79 -30.05
N ASN C 230 -38.49 12.58 -29.60
CA ASN C 230 -39.64 12.34 -28.75
C ASN C 230 -39.19 11.39 -27.66
N PHE C 231 -39.85 11.43 -26.52
CA PHE C 231 -39.47 10.57 -25.41
C PHE C 231 -40.71 10.28 -24.58
N ILE C 232 -40.90 9.01 -24.25
CA ILE C 232 -42.05 8.64 -23.43
C ILE C 232 -41.66 8.72 -21.97
N ILE C 233 -42.33 9.60 -21.24
CA ILE C 233 -42.08 9.77 -19.81
C ILE C 233 -43.01 8.80 -19.10
N GLN C 234 -42.46 7.69 -18.63
CA GLN C 234 -43.25 6.67 -17.96
C GLN C 234 -43.65 7.12 -16.56
N GLU C 235 -44.86 6.79 -16.15
CA GLU C 235 -45.34 7.18 -14.84
C GLU C 235 -44.74 6.29 -13.76
N LYS C 236 -44.87 6.73 -12.52
CA LYS C 236 -44.39 5.97 -11.38
C LYS C 236 -45.57 5.90 -10.41
N ASN C 237 -45.82 4.73 -9.84
CA ASN C 237 -46.91 4.56 -8.88
C ASN C 237 -46.46 3.68 -7.73
N ASN C 238 -46.77 4.09 -6.51
CA ASN C 238 -46.41 3.31 -5.32
C ASN C 238 -44.91 3.03 -5.39
N TYR C 239 -44.13 4.06 -5.67
CA TYR C 239 -42.68 3.90 -5.81
C TYR C 239 -41.91 4.29 -4.56
N THR C 240 -40.63 3.94 -4.56
CA THR C 240 -39.76 4.27 -3.43
C THR C 240 -39.44 5.76 -3.53
N LYS C 241 -40.00 6.56 -2.63
CA LYS C 241 -39.76 7.98 -2.66
C LYS C 241 -39.12 8.52 -1.40
N ASP C 242 -38.43 7.65 -0.68
CA ASP C 242 -37.73 8.04 0.52
C ASP C 242 -36.56 7.07 0.66
N ILE C 243 -35.46 7.55 1.25
CA ILE C 243 -34.30 6.70 1.44
C ILE C 243 -34.64 5.68 2.52
N LEU C 244 -34.03 4.51 2.46
CA LEU C 244 -34.28 3.47 3.44
C LEU C 244 -33.20 3.50 4.52
N ILE C 245 -33.57 3.10 5.73
CA ILE C 245 -32.65 3.10 6.87
C ILE C 245 -32.29 1.67 7.27
N PRO C 246 -31.00 1.32 7.17
CA PRO C 246 -30.59 -0.05 7.55
C PRO C 246 -30.79 -0.31 9.05
N SER C 247 -30.72 -1.59 9.41
CA SER C 247 -30.90 -1.99 10.80
C SER C 247 -29.83 -1.46 11.75
N SER C 248 -30.11 -1.55 13.04
CA SER C 248 -29.17 -1.10 14.06
C SER C 248 -27.91 -1.96 14.00
N GLU C 249 -28.08 -3.24 13.71
CA GLU C 249 -26.94 -4.16 13.62
C GLU C 249 -26.08 -3.78 12.41
N ALA C 250 -26.72 -3.27 11.37
CA ALA C 250 -26.00 -2.88 10.16
C ALA C 250 -25.12 -1.69 10.46
N TYR C 251 -25.66 -0.67 11.13
CA TYR C 251 -24.88 0.52 11.45
C TYR C 251 -23.74 0.18 12.41
N GLY C 252 -23.95 -0.83 13.24
CA GLY C 252 -22.90 -1.22 14.16
C GLY C 252 -21.70 -1.75 13.40
N LYS C 253 -21.96 -2.60 12.42
CA LYS C 253 -20.88 -3.18 11.62
C LYS C 253 -20.17 -2.12 10.78
N PHE C 254 -20.89 -1.08 10.38
CA PHE C 254 -20.31 -0.04 9.53
C PHE C 254 -19.92 1.19 10.33
N SER C 255 -20.17 1.16 11.64
CA SER C 255 -19.89 2.29 12.52
C SER C 255 -18.52 2.97 12.35
N LYS C 256 -17.47 2.19 12.13
CA LYS C 256 -16.14 2.77 11.96
C LYS C 256 -16.00 3.62 10.70
N ASN C 257 -16.88 3.41 9.73
CA ASN C 257 -16.79 4.18 8.48
C ASN C 257 -17.80 5.32 8.42
N MSE D 1 16.05 16.90 -19.64
CA MSE D 1 15.87 17.80 -20.82
C MSE D 1 17.20 18.26 -21.42
O MSE D 1 17.98 17.43 -21.91
CB MSE D 1 15.03 19.03 -20.42
CG MSE D 1 13.55 18.78 -20.23
SE MSE D 1 13.06 17.65 -18.72
CE MSE D 1 11.47 16.83 -19.47
N LYS D 2 17.46 19.57 -21.39
CA LYS D 2 18.68 20.12 -21.95
C LYS D 2 19.53 20.98 -21.00
N LYS D 3 19.31 22.30 -21.07
CA LYS D 3 20.05 23.24 -20.23
C LYS D 3 19.13 23.92 -19.23
N VAL D 4 19.63 24.14 -18.02
CA VAL D 4 18.81 24.77 -16.99
C VAL D 4 19.60 25.75 -16.14
N ILE D 5 18.92 26.83 -15.78
CA ILE D 5 19.49 27.85 -14.92
C ILE D 5 18.85 27.69 -13.56
N ILE D 6 19.66 27.44 -12.56
CA ILE D 6 19.14 27.27 -11.21
C ILE D 6 19.52 28.52 -10.44
N ALA D 7 18.54 29.16 -9.82
CA ALA D 7 18.82 30.37 -9.10
C ALA D 7 18.36 30.43 -7.66
N GLY D 8 19.28 30.88 -6.81
CA GLY D 8 18.95 31.08 -5.41
C GLY D 8 18.47 32.51 -5.45
N ASN D 9 18.27 33.15 -4.29
CA ASN D 9 17.81 34.52 -4.31
C ASN D 9 18.77 35.47 -3.63
N GLY D 10 20.06 35.12 -3.66
CA GLY D 10 21.07 35.96 -3.06
C GLY D 10 21.36 37.19 -3.88
N PRO D 11 22.29 38.05 -3.42
CA PRO D 11 22.64 39.27 -4.15
C PRO D 11 23.14 39.03 -5.57
N SER D 12 23.82 37.91 -5.80
CA SER D 12 24.35 37.61 -7.13
C SER D 12 23.26 37.49 -8.20
N LEU D 13 22.01 37.32 -7.77
CA LEU D 13 20.89 37.22 -8.71
C LEU D 13 20.81 38.49 -9.54
N LYS D 14 21.20 39.61 -8.93
CA LYS D 14 21.17 40.91 -9.58
C LYS D 14 22.48 41.26 -10.29
N GLU D 15 23.43 40.32 -10.26
CA GLU D 15 24.73 40.54 -10.89
C GLU D 15 25.10 39.44 -11.89
N ILE D 16 24.10 38.93 -12.59
CA ILE D 16 24.34 37.89 -13.58
C ILE D 16 25.03 38.54 -14.78
N ASP D 17 25.93 37.80 -15.42
CA ASP D 17 26.61 38.30 -16.60
C ASP D 17 25.84 37.70 -17.78
N TYR D 18 24.80 38.41 -18.21
CA TYR D 18 23.95 37.95 -19.29
C TYR D 18 24.67 37.61 -20.59
N SER D 19 25.92 38.04 -20.72
CA SER D 19 26.69 37.73 -21.91
C SER D 19 26.94 36.23 -21.93
N ARG D 20 26.88 35.63 -20.75
CA ARG D 20 27.13 34.19 -20.61
C ARG D 20 25.87 33.33 -20.55
N LEU D 21 24.70 33.94 -20.76
CA LEU D 21 23.45 33.19 -20.74
C LEU D 21 23.37 32.19 -21.88
N PRO D 22 23.03 30.93 -21.58
CA PRO D 22 22.92 29.94 -22.65
C PRO D 22 21.77 30.36 -23.55
N ASN D 23 21.69 29.80 -24.75
CA ASN D 23 20.62 30.19 -25.68
C ASN D 23 19.26 29.52 -25.44
N ASP D 24 19.26 28.24 -25.14
CA ASP D 24 18.01 27.52 -24.91
C ASP D 24 18.05 26.95 -23.49
N PHE D 25 17.28 27.55 -22.59
CA PHE D 25 17.30 27.10 -21.20
C PHE D 25 15.96 27.13 -20.47
N ASP D 26 15.90 26.35 -19.40
CA ASP D 26 14.72 26.30 -18.53
C ASP D 26 15.17 26.99 -17.26
N VAL D 27 14.22 27.50 -16.47
CA VAL D 27 14.57 28.18 -15.23
C VAL D 27 13.95 27.53 -14.00
N PHE D 28 14.77 27.36 -12.96
CA PHE D 28 14.31 26.79 -11.69
C PHE D 28 14.41 27.91 -10.65
N ARG D 29 13.33 28.18 -9.93
CA ARG D 29 13.33 29.21 -8.90
C ARG D 29 12.89 28.60 -7.58
N CYS D 30 13.21 29.25 -6.46
CA CYS D 30 12.80 28.69 -5.18
C CYS D 30 12.28 29.75 -4.21
N ASN D 31 11.49 29.27 -3.26
CA ASN D 31 10.93 30.10 -2.19
C ASN D 31 10.50 31.52 -2.55
N GLN D 32 11.05 32.54 -1.88
CA GLN D 32 10.65 33.92 -2.16
C GLN D 32 11.30 34.53 -3.39
N PHE D 33 11.36 33.78 -4.47
CA PHE D 33 11.97 34.27 -5.70
C PHE D 33 11.22 35.49 -6.25
N TYR D 34 9.91 35.53 -6.02
CA TYR D 34 9.08 36.62 -6.51
C TYR D 34 9.36 37.97 -5.82
N PHE D 35 10.15 37.94 -4.75
CA PHE D 35 10.51 39.16 -4.04
C PHE D 35 11.45 40.01 -4.91
N GLU D 36 11.91 39.45 -6.03
CA GLU D 36 12.81 40.18 -6.92
C GLU D 36 12.11 41.43 -7.46
N ASP D 37 12.85 42.53 -7.54
CA ASP D 37 12.29 43.79 -8.01
C ASP D 37 12.30 43.94 -9.53
N LYS D 38 12.90 42.96 -10.20
CA LYS D 38 12.96 42.95 -11.67
C LYS D 38 12.97 41.48 -12.08
N TYR D 39 12.61 41.20 -13.33
CA TYR D 39 12.61 39.82 -13.82
C TYR D 39 14.01 39.43 -14.30
N TYR D 40 14.92 39.24 -13.33
CA TYR D 40 16.29 38.89 -13.67
C TYR D 40 16.45 37.64 -14.51
N LEU D 41 15.46 36.75 -14.47
CA LEU D 41 15.53 35.52 -15.26
C LEU D 41 14.24 35.23 -16.02
N GLY D 42 13.43 36.25 -16.22
CA GLY D 42 12.18 36.09 -16.96
C GLY D 42 11.02 35.72 -16.06
N LYS D 43 9.82 35.71 -16.63
CA LYS D 43 8.60 35.38 -15.89
C LYS D 43 8.24 33.91 -15.99
N LYS D 44 8.86 33.22 -16.96
CA LYS D 44 8.56 31.80 -17.18
C LYS D 44 9.50 30.86 -16.44
N CYS D 45 8.94 30.05 -15.54
CA CYS D 45 9.74 29.09 -14.79
C CYS D 45 9.43 27.68 -15.24
N LYS D 46 10.43 26.83 -15.31
CA LYS D 46 10.20 25.44 -15.67
C LYS D 46 9.66 24.81 -14.39
N ALA D 47 10.25 25.22 -13.26
CA ALA D 47 9.84 24.70 -11.96
C ALA D 47 10.11 25.69 -10.83
N VAL D 48 9.26 25.65 -9.81
CA VAL D 48 9.44 26.50 -8.63
C VAL D 48 9.50 25.51 -7.46
N PHE D 49 10.41 25.76 -6.51
CA PHE D 49 10.60 24.88 -5.35
C PHE D 49 10.27 25.58 -4.03
N TYR D 50 9.48 24.92 -3.19
CA TYR D 50 9.12 25.49 -1.89
C TYR D 50 9.40 24.47 -0.80
N ASN D 51 9.87 24.96 0.34
CA ASN D 51 10.16 24.10 1.48
C ASN D 51 8.84 23.62 2.06
N PRO D 52 8.82 22.40 2.63
CA PRO D 52 7.61 21.84 3.22
C PRO D 52 6.95 22.75 4.26
N SER D 53 7.78 23.37 5.11
CA SER D 53 7.31 24.24 6.19
C SER D 53 6.35 25.35 5.78
N LEU D 54 6.53 25.91 4.59
CA LEU D 54 5.66 26.99 4.15
C LEU D 54 4.96 26.67 2.82
N PHE D 55 4.97 25.42 2.41
CA PHE D 55 4.34 25.05 1.14
C PHE D 55 2.87 25.45 1.05
N PHE D 56 2.14 25.27 2.13
CA PHE D 56 0.72 25.62 2.16
C PHE D 56 0.52 27.06 1.75
N GLU D 57 1.28 27.96 2.36
CA GLU D 57 1.17 29.39 2.06
C GLU D 57 1.80 29.76 0.71
N GLN D 58 2.90 29.10 0.36
CA GLN D 58 3.58 29.39 -0.90
C GLN D 58 2.74 28.96 -2.10
N TYR D 59 2.02 27.86 -1.95
CA TYR D 59 1.18 27.35 -3.03
C TYR D 59 0.06 28.34 -3.27
N TYR D 60 -0.53 28.80 -2.18
CA TYR D 60 -1.61 29.79 -2.22
C TYR D 60 -1.10 31.04 -2.92
N THR D 61 0.10 31.47 -2.54
CA THR D 61 0.72 32.67 -3.12
C THR D 61 1.05 32.49 -4.59
N LEU D 62 1.56 31.31 -4.96
CA LEU D 62 1.91 31.04 -6.36
C LEU D 62 0.67 31.13 -7.25
N LYS D 63 -0.45 30.61 -6.76
CA LYS D 63 -1.68 30.65 -7.53
C LYS D 63 -2.09 32.10 -7.80
N HIS D 64 -1.76 33.00 -6.88
CA HIS D 64 -2.07 34.42 -7.08
C HIS D 64 -1.09 34.99 -8.12
N LEU D 65 0.18 34.63 -7.98
CA LEU D 65 1.20 35.08 -8.93
C LEU D 65 0.82 34.67 -10.34
N ILE D 66 0.27 33.46 -10.47
CA ILE D 66 -0.12 32.93 -11.77
C ILE D 66 -1.38 33.62 -12.28
N GLN D 67 -2.37 33.75 -11.41
CA GLN D 67 -3.63 34.38 -11.76
C GLN D 67 -3.40 35.84 -12.18
N ASN D 68 -2.46 36.50 -11.51
CA ASN D 68 -2.15 37.90 -11.81
C ASN D 68 -1.10 38.00 -12.90
N GLN D 69 -0.75 36.85 -13.48
CA GLN D 69 0.23 36.76 -14.55
C GLN D 69 1.60 37.38 -14.26
N GLU D 70 2.05 37.30 -13.02
CA GLU D 70 3.36 37.83 -12.67
C GLU D 70 4.41 36.80 -13.05
N TYR D 71 4.04 35.53 -12.94
CA TYR D 71 4.92 34.44 -13.30
C TYR D 71 4.09 33.29 -13.82
N GLU D 72 4.76 32.33 -14.44
CA GLU D 72 4.12 31.11 -14.90
C GLU D 72 5.13 30.01 -14.61
N THR D 73 4.65 28.81 -14.30
CA THR D 73 5.54 27.71 -14.05
C THR D 73 4.91 26.42 -14.52
N GLU D 74 5.72 25.52 -15.06
CA GLU D 74 5.21 24.24 -15.53
C GLU D 74 5.09 23.27 -14.36
N LEU D 75 6.14 23.23 -13.53
CA LEU D 75 6.18 22.33 -12.38
C LEU D 75 6.19 23.07 -11.05
N ILE D 76 5.60 22.44 -10.04
CA ILE D 76 5.56 22.99 -8.69
C ILE D 76 6.12 21.87 -7.83
N MSE D 77 7.27 22.14 -7.20
CA MSE D 77 7.97 21.15 -6.39
C MSE D 77 8.03 21.45 -4.90
O MSE D 77 8.20 22.60 -4.49
CB MSE D 77 9.42 21.04 -6.87
CG MSE D 77 9.58 20.54 -8.31
SE MSE D 77 9.78 18.66 -8.33
CE MSE D 77 9.83 18.36 -10.24
N CYS D 78 7.87 20.41 -4.08
CA CYS D 78 8.00 20.58 -2.64
C CYS D 78 9.34 19.93 -2.32
N SER D 79 10.23 20.68 -1.70
CA SER D 79 11.57 20.17 -1.40
C SER D 79 11.62 19.31 -0.15
N ASN D 80 11.07 18.10 -0.24
CA ASN D 80 11.03 17.17 0.89
C ASN D 80 12.11 16.09 0.81
N TYR D 81 12.31 15.40 1.92
CA TYR D 81 13.34 14.38 2.04
C TYR D 81 12.85 13.06 2.65
N ASN D 82 11.58 13.01 3.04
CA ASN D 82 11.02 11.83 3.69
C ASN D 82 11.74 11.60 5.03
N GLN D 83 11.80 12.67 5.83
CA GLN D 83 12.43 12.65 7.14
C GLN D 83 11.50 13.35 8.15
N ALA D 84 11.01 12.61 9.13
CA ALA D 84 10.09 13.17 10.11
C ALA D 84 10.58 14.45 10.78
N HIS D 85 11.87 14.55 11.04
CA HIS D 85 12.41 15.75 11.68
C HIS D 85 12.58 16.90 10.69
N LEU D 86 12.34 16.65 9.42
CA LEU D 86 12.48 17.69 8.40
C LEU D 86 11.16 18.09 7.75
N GLU D 87 10.11 17.30 7.93
CA GLU D 87 8.82 17.59 7.32
C GLU D 87 7.68 16.79 7.95
N ASN D 88 6.49 17.38 7.93
CA ASN D 88 5.30 16.72 8.49
C ASN D 88 4.99 15.45 7.70
N GLU D 89 4.79 14.34 8.40
CA GLU D 89 4.51 13.08 7.74
C GLU D 89 3.17 12.98 7.01
N ASN D 90 2.09 13.49 7.60
CA ASN D 90 0.80 13.40 6.93
C ASN D 90 0.79 14.32 5.71
N PHE D 91 1.56 15.38 5.77
CA PHE D 91 1.67 16.34 4.66
C PHE D 91 2.18 15.59 3.43
N VAL D 92 3.25 14.83 3.60
CA VAL D 92 3.83 14.05 2.51
C VAL D 92 2.89 12.95 2.05
N LYS D 93 2.27 12.25 2.99
CA LYS D 93 1.35 11.15 2.67
C LYS D 93 0.18 11.54 1.77
N THR D 94 -0.42 12.70 2.06
CA THR D 94 -1.59 13.15 1.31
C THR D 94 -1.31 14.22 0.27
N PHE D 95 -0.04 14.57 0.12
CA PHE D 95 0.38 15.62 -0.81
C PHE D 95 -0.33 15.72 -2.15
N TYR D 96 -0.30 14.64 -2.94
CA TYR D 96 -0.92 14.68 -4.25
C TYR D 96 -2.42 14.87 -4.25
N ASP D 97 -3.08 14.62 -3.12
CA ASP D 97 -4.51 14.80 -3.06
C ASP D 97 -4.88 16.24 -2.69
N TYR D 98 -3.98 16.95 -2.01
CA TYR D 98 -4.23 18.34 -1.65
C TYR D 98 -3.67 19.27 -2.74
N PHE D 99 -2.64 18.82 -3.43
CA PHE D 99 -2.00 19.62 -4.47
C PHE D 99 -1.78 18.75 -5.71
N PRO D 100 -2.87 18.40 -6.40
CA PRO D 100 -2.83 17.56 -7.59
C PRO D 100 -1.87 17.90 -8.71
N ASP D 101 -1.55 19.19 -8.87
CA ASP D 101 -0.66 19.61 -9.94
C ASP D 101 0.76 19.89 -9.47
N ALA D 102 1.07 19.47 -8.25
CA ALA D 102 2.40 19.68 -7.70
C ALA D 102 3.13 18.34 -7.59
N HIS D 103 4.41 18.39 -7.25
CA HIS D 103 5.21 17.18 -7.12
C HIS D 103 6.03 17.20 -5.86
N LEU D 104 6.23 16.03 -5.27
CA LEU D 104 7.09 15.93 -4.09
C LEU D 104 8.50 15.85 -4.70
N GLY D 105 9.36 16.80 -4.34
CA GLY D 105 10.71 16.79 -4.87
C GLY D 105 11.46 15.49 -4.64
N TYR D 106 11.14 14.80 -3.53
CA TYR D 106 11.82 13.56 -3.20
C TYR D 106 11.59 12.45 -4.24
N ASP D 107 10.47 12.51 -4.97
CA ASP D 107 10.21 11.49 -5.98
C ASP D 107 11.34 11.49 -7.00
N PHE D 108 12.02 12.62 -7.13
CA PHE D 108 13.12 12.72 -8.08
C PHE D 108 14.46 12.66 -7.37
N PHE D 109 14.55 13.34 -6.23
CA PHE D 109 15.76 13.39 -5.43
C PHE D 109 16.22 11.96 -5.10
N LYS D 110 15.28 11.09 -4.73
CA LYS D 110 15.63 9.71 -4.38
C LYS D 110 16.12 8.89 -5.55
N GLN D 111 15.99 9.39 -6.77
CA GLN D 111 16.46 8.66 -7.94
C GLN D 111 17.99 8.72 -8.02
N LEU D 112 18.59 9.61 -7.23
CA LEU D 112 20.04 9.75 -7.18
C LEU D 112 20.42 9.06 -5.87
N LYS D 113 20.42 7.74 -5.89
CA LYS D 113 20.70 6.93 -4.71
C LYS D 113 21.98 7.35 -3.97
N ASP D 114 23.08 7.47 -4.70
CA ASP D 114 24.34 7.87 -4.09
C ASP D 114 24.23 9.21 -3.38
N PHE D 115 23.58 10.19 -4.00
CA PHE D 115 23.46 11.50 -3.35
C PHE D 115 22.48 11.49 -2.19
N ASN D 116 21.41 10.73 -2.34
CA ASN D 116 20.42 10.63 -1.27
C ASN D 116 21.14 10.07 -0.04
N ALA D 117 21.95 9.02 -0.25
CA ALA D 117 22.69 8.41 0.84
C ALA D 117 23.69 9.42 1.41
N TYR D 118 24.36 10.14 0.51
CA TYR D 118 25.35 11.15 0.91
C TYR D 118 24.69 12.21 1.79
N PHE D 119 23.57 12.75 1.32
CA PHE D 119 22.86 13.77 2.07
C PHE D 119 22.37 13.29 3.44
N LYS D 120 21.67 12.16 3.44
CA LYS D 120 21.10 11.62 4.66
C LYS D 120 22.15 11.34 5.74
N PHE D 121 23.24 10.71 5.35
CA PHE D 121 24.29 10.40 6.32
C PHE D 121 24.79 11.68 7.01
N HIS D 122 25.12 12.69 6.22
CA HIS D 122 25.62 13.92 6.80
C HIS D 122 24.59 14.76 7.54
N GLU D 123 23.32 14.64 7.18
CA GLU D 123 22.28 15.41 7.86
C GLU D 123 21.91 14.75 9.18
N ILE D 124 21.74 13.43 9.16
CA ILE D 124 21.36 12.68 10.35
C ILE D 124 22.46 12.64 11.40
N TYR D 125 23.68 12.32 10.99
CA TYR D 125 24.75 12.21 11.96
C TYR D 125 25.57 13.46 12.24
N PHE D 126 25.68 14.34 11.26
CA PHE D 126 26.47 15.56 11.45
C PHE D 126 25.67 16.86 11.38
N ASN D 127 24.35 16.74 11.35
CA ASN D 127 23.48 17.90 11.30
C ASN D 127 23.87 18.89 10.21
N GLN D 128 24.32 18.35 9.08
CA GLN D 128 24.70 19.19 7.96
C GLN D 128 23.51 19.21 7.01
N ARG D 129 23.07 20.42 6.66
CA ARG D 129 21.93 20.58 5.77
C ARG D 129 22.40 21.23 4.48
N ILE D 130 21.62 21.05 3.41
CA ILE D 130 21.98 21.67 2.14
C ILE D 130 20.93 22.71 1.86
N THR D 131 21.29 23.71 1.06
CA THR D 131 20.36 24.78 0.72
C THR D 131 19.55 24.38 -0.51
N SER D 132 18.49 25.13 -0.78
CA SER D 132 17.64 24.83 -1.92
C SER D 132 18.39 24.80 -3.24
N GLY D 133 19.41 25.64 -3.37
CA GLY D 133 20.19 25.66 -4.58
C GLY D 133 20.72 24.28 -4.93
N VAL D 134 21.23 23.60 -3.92
CA VAL D 134 21.77 22.26 -4.09
C VAL D 134 20.65 21.25 -4.32
N TYR D 135 19.57 21.37 -3.55
CA TYR D 135 18.44 20.46 -3.71
C TYR D 135 17.94 20.53 -5.16
N MSE D 136 17.77 21.75 -5.69
CA MSE D 136 17.31 21.91 -7.07
C MSE D 136 18.28 21.29 -8.07
O MSE D 136 17.85 20.75 -9.10
CB MSE D 136 17.10 23.40 -7.38
CG MSE D 136 15.97 24.03 -6.59
SE MSE D 136 15.48 25.81 -7.21
CE MSE D 136 16.95 26.80 -6.40
N CYS D 137 19.57 21.36 -7.79
CA CYS D 137 20.56 20.77 -8.69
C CYS D 137 20.34 19.27 -8.77
N ALA D 138 20.11 18.64 -7.62
CA ALA D 138 19.91 17.20 -7.59
C ALA D 138 18.67 16.83 -8.40
N VAL D 139 17.58 17.57 -8.17
CA VAL D 139 16.34 17.28 -8.89
C VAL D 139 16.55 17.50 -10.38
N ALA D 140 17.30 18.54 -10.72
CA ALA D 140 17.58 18.83 -12.12
C ALA D 140 18.29 17.63 -12.74
N ILE D 141 19.29 17.12 -12.04
CA ILE D 141 20.05 15.96 -12.54
C ILE D 141 19.12 14.76 -12.68
N ALA D 142 18.26 14.55 -11.69
CA ALA D 142 17.32 13.44 -11.71
C ALA D 142 16.36 13.57 -12.89
N LEU D 143 16.05 14.79 -13.29
CA LEU D 143 15.15 15.04 -14.40
C LEU D 143 15.82 14.85 -15.76
N GLY D 144 17.16 14.80 -15.78
CA GLY D 144 17.85 14.60 -17.04
C GLY D 144 18.71 15.73 -17.57
N TYR D 145 18.76 16.86 -16.86
CA TYR D 145 19.56 17.98 -17.30
C TYR D 145 21.05 17.64 -17.20
N LYS D 146 21.83 18.07 -18.19
CA LYS D 146 23.26 17.78 -18.23
C LYS D 146 24.15 19.00 -18.01
N GLU D 147 23.61 20.18 -18.27
CA GLU D 147 24.36 21.42 -18.08
C GLU D 147 23.57 22.32 -17.17
N ILE D 148 24.12 22.59 -16.00
CA ILE D 148 23.46 23.40 -15.00
C ILE D 148 24.16 24.72 -14.73
N TYR D 149 23.43 25.81 -14.92
CA TYR D 149 23.95 27.16 -14.73
C TYR D 149 23.42 27.75 -13.43
N LEU D 150 24.33 27.99 -12.49
CA LEU D 150 23.98 28.51 -11.18
C LEU D 150 24.04 30.03 -11.03
N SER D 151 23.13 30.56 -10.21
CA SER D 151 23.06 31.98 -9.93
C SER D 151 22.28 32.23 -8.63
N GLY D 152 22.46 33.41 -8.05
CA GLY D 152 21.76 33.75 -6.82
C GLY D 152 22.16 32.92 -5.62
N ILE D 153 23.32 32.27 -5.71
CA ILE D 153 23.85 31.44 -4.63
C ILE D 153 25.08 32.15 -4.04
N ASP D 154 24.93 32.74 -2.86
CA ASP D 154 26.04 33.46 -2.24
C ASP D 154 26.42 33.06 -0.82
N PHE D 155 25.78 32.03 -0.29
CA PHE D 155 26.08 31.56 1.06
C PHE D 155 25.89 32.66 2.10
N TYR D 156 25.05 33.64 1.79
CA TYR D 156 24.81 34.75 2.71
C TYR D 156 26.13 35.39 3.12
N GLN D 168 6.91 42.86 3.85
CA GLN D 168 7.32 41.46 4.17
C GLN D 168 6.85 41.05 5.55
N LYS D 169 5.86 41.76 6.07
CA LYS D 169 5.30 41.47 7.39
C LYS D 169 4.82 40.02 7.48
N ASN D 170 4.14 39.56 6.44
CA ASN D 170 3.62 38.20 6.42
C ASN D 170 4.72 37.16 6.56
N LEU D 171 5.81 37.34 5.83
CA LEU D 171 6.91 36.37 5.90
C LEU D 171 7.54 36.38 7.30
N LEU D 172 7.73 37.57 7.86
CA LEU D 172 8.32 37.70 9.18
C LEU D 172 7.47 37.09 10.28
N LYS D 173 6.15 37.10 10.09
CA LYS D 173 5.25 36.53 11.09
C LYS D 173 5.24 35.01 10.97
N LEU D 174 5.35 34.51 9.74
CA LEU D 174 5.36 33.08 9.49
C LEU D 174 6.67 32.42 9.90
N ALA D 175 7.78 33.08 9.58
CA ALA D 175 9.10 32.55 9.89
C ALA D 175 10.04 33.65 10.33
N PRO D 176 9.83 34.20 11.54
CA PRO D 176 10.65 35.28 12.09
C PRO D 176 12.15 35.11 11.77
N ILE D 186 18.96 24.87 10.76
CA ILE D 186 20.14 25.37 9.99
C ILE D 186 21.08 24.24 9.60
N GLY D 187 22.38 24.44 9.84
CA GLY D 187 23.37 23.43 9.48
C GLY D 187 23.91 23.69 8.09
N HIS D 188 23.63 24.88 7.56
CA HIS D 188 24.09 25.26 6.23
C HIS D 188 25.49 25.85 6.29
N SER D 189 26.17 25.86 5.15
CA SER D 189 27.51 26.41 5.06
C SER D 189 28.00 26.31 3.62
N LYS D 190 28.92 27.18 3.26
CA LYS D 190 29.50 27.19 1.91
C LYS D 190 30.12 25.83 1.66
N ASN D 191 30.89 25.36 2.63
CA ASN D 191 31.58 24.08 2.55
C ASN D 191 30.62 22.94 2.20
N THR D 192 29.58 22.78 3.00
CA THR D 192 28.60 21.72 2.77
C THR D 192 28.00 21.82 1.37
N ASP D 193 27.53 23.00 1.00
CA ASP D 193 26.93 23.18 -0.32
C ASP D 193 27.92 22.91 -1.44
N ILE D 194 29.12 23.46 -1.34
CA ILE D 194 30.12 23.25 -2.37
C ILE D 194 30.49 21.78 -2.52
N LYS D 195 30.75 21.12 -1.39
CA LYS D 195 31.10 19.71 -1.44
C LYS D 195 29.96 18.88 -2.02
N ALA D 196 28.73 19.28 -1.70
CA ALA D 196 27.57 18.56 -2.22
C ALA D 196 27.47 18.73 -3.73
N LEU D 197 27.69 19.97 -4.20
CA LEU D 197 27.65 20.25 -5.63
C LEU D 197 28.73 19.47 -6.36
N GLU D 198 29.94 19.46 -5.82
CA GLU D 198 31.05 18.74 -6.43
C GLU D 198 30.72 17.26 -6.52
N PHE D 199 30.13 16.72 -5.46
CA PHE D 199 29.74 15.31 -5.42
C PHE D 199 28.76 15.02 -6.55
N LEU D 200 27.74 15.87 -6.69
CA LEU D 200 26.73 15.70 -7.73
C LEU D 200 27.36 15.72 -9.11
N GLU D 201 28.17 16.72 -9.39
CA GLU D 201 28.82 16.86 -10.68
C GLU D 201 29.68 15.64 -11.01
N LYS D 202 30.58 15.30 -10.09
CA LYS D 202 31.48 14.16 -10.31
C LYS D 202 30.72 12.84 -10.44
N THR D 203 29.83 12.58 -9.51
CA THR D 203 29.07 11.33 -9.49
C THR D 203 28.14 11.11 -10.67
N TYR D 204 27.49 12.16 -11.14
CA TYR D 204 26.53 12.01 -12.23
C TYR D 204 26.98 12.51 -13.59
N LYS D 205 28.25 12.84 -13.71
CA LYS D 205 28.82 13.30 -14.97
C LYS D 205 28.01 14.38 -15.68
N ILE D 206 27.77 15.48 -15.00
CA ILE D 206 27.05 16.61 -15.58
C ILE D 206 27.99 17.79 -15.43
N LYS D 207 27.68 18.91 -16.08
CA LYS D 207 28.55 20.08 -15.98
C LYS D 207 27.90 21.27 -15.27
N LEU D 208 28.64 21.85 -14.33
CA LEU D 208 28.16 22.99 -13.58
C LEU D 208 28.85 24.26 -14.06
N TYR D 209 28.07 25.33 -14.18
CA TYR D 209 28.60 26.63 -14.60
C TYR D 209 28.10 27.71 -13.67
N CYS D 210 28.90 28.76 -13.51
CA CYS D 210 28.54 29.89 -12.68
C CYS D 210 28.22 31.09 -13.58
N LEU D 211 27.04 31.68 -13.38
CA LEU D 211 26.62 32.83 -14.17
C LEU D 211 26.92 34.15 -13.47
N CYS D 212 27.50 34.08 -12.28
CA CYS D 212 27.80 35.29 -11.53
C CYS D 212 29.28 35.39 -11.14
N PRO D 213 30.12 35.88 -12.05
CA PRO D 213 31.57 36.04 -11.85
C PRO D 213 31.99 36.91 -10.67
N ASN D 214 31.03 37.60 -10.05
CA ASN D 214 31.33 38.46 -8.91
C ASN D 214 30.89 37.84 -7.60
N SER D 215 30.43 36.60 -7.66
CA SER D 215 29.97 35.88 -6.47
C SER D 215 31.03 34.91 -5.97
N LEU D 216 31.02 34.64 -4.67
CA LEU D 216 31.98 33.73 -4.07
C LEU D 216 31.90 32.37 -4.77
N LEU D 217 30.74 32.07 -5.32
CA LEU D 217 30.52 30.82 -6.03
C LEU D 217 31.54 30.68 -7.17
N ALA D 218 31.93 31.82 -7.72
CA ALA D 218 32.90 31.87 -8.82
C ALA D 218 34.25 31.30 -8.39
N ASN D 219 34.52 31.34 -7.09
CA ASN D 219 35.76 30.81 -6.55
C ASN D 219 35.80 29.29 -6.59
N PHE D 220 34.66 28.67 -6.89
CA PHE D 220 34.57 27.22 -6.92
C PHE D 220 34.03 26.61 -8.21
N ILE D 221 33.10 27.31 -8.87
CA ILE D 221 32.51 26.80 -10.10
C ILE D 221 32.93 27.60 -11.32
N GLU D 222 33.30 26.89 -12.38
CA GLU D 222 33.74 27.52 -13.63
C GLU D 222 32.66 28.43 -14.20
N LEU D 223 33.05 29.65 -14.56
CA LEU D 223 32.11 30.62 -15.13
C LEU D 223 31.53 30.08 -16.43
N ALA D 224 30.27 30.39 -16.70
CA ALA D 224 29.64 29.94 -17.94
C ALA D 224 30.35 30.62 -19.11
N PRO D 225 30.48 29.93 -20.25
CA PRO D 225 31.15 30.50 -21.42
C PRO D 225 30.45 31.73 -21.98
N ASN D 226 31.25 32.74 -22.34
CA ASN D 226 30.69 33.96 -22.90
C ASN D 226 30.28 33.69 -24.33
N LEU D 227 29.00 33.88 -24.62
CA LEU D 227 28.46 33.64 -25.96
C LEU D 227 27.95 34.95 -26.54
N ASN D 228 28.26 36.06 -25.89
CA ASN D 228 27.82 37.37 -26.32
C ASN D 228 26.29 37.37 -26.40
N SER D 229 25.67 36.74 -25.40
CA SER D 229 24.23 36.64 -25.34
C SER D 229 23.60 37.94 -24.88
N ASN D 230 22.33 38.13 -25.21
CA ASN D 230 21.59 39.32 -24.82
C ASN D 230 20.37 38.88 -24.02
N PHE D 231 19.95 39.69 -23.08
CA PHE D 231 18.77 39.37 -22.28
C PHE D 231 18.06 40.65 -21.86
N ILE D 232 16.75 40.66 -22.03
CA ILE D 232 15.97 41.83 -21.65
C ILE D 232 15.47 41.66 -20.22
N ILE D 233 15.88 42.55 -19.34
CA ILE D 233 15.45 42.48 -17.95
C ILE D 233 14.17 43.28 -17.80
N GLN D 234 13.05 42.57 -17.77
CA GLN D 234 11.75 43.21 -17.62
C GLN D 234 11.57 43.79 -16.23
N GLU D 235 10.90 44.93 -16.17
CA GLU D 235 10.63 45.62 -14.91
C GLU D 235 9.43 45.00 -14.21
N LYS D 236 9.29 45.31 -12.92
CA LYS D 236 8.15 44.81 -12.17
C LYS D 236 7.49 46.01 -11.50
N ASN D 237 6.18 46.12 -11.65
CA ASN D 237 5.41 47.23 -11.07
C ASN D 237 4.23 46.68 -10.28
N ASN D 238 4.01 47.23 -9.09
CA ASN D 238 2.89 46.79 -8.25
C ASN D 238 2.84 45.26 -8.25
N TYR D 239 3.95 44.63 -7.85
CA TYR D 239 4.03 43.18 -7.84
C TYR D 239 3.92 42.60 -6.44
N THR D 240 3.70 41.29 -6.38
CA THR D 240 3.58 40.60 -5.11
C THR D 240 4.98 40.49 -4.52
N LYS D 241 5.19 41.15 -3.38
CA LYS D 241 6.50 41.16 -2.73
C LYS D 241 6.47 40.64 -1.28
N ASP D 242 5.46 39.84 -0.96
CA ASP D 242 5.35 39.25 0.37
C ASP D 242 4.50 38.01 0.18
N ILE D 243 4.68 37.03 1.06
CA ILE D 243 3.91 35.80 0.98
C ILE D 243 2.48 36.08 1.43
N LEU D 244 1.51 35.35 0.85
CA LEU D 244 0.12 35.55 1.23
C LEU D 244 -0.28 34.55 2.31
N ILE D 245 -1.21 34.97 3.17
CA ILE D 245 -1.68 34.12 4.26
C ILE D 245 -3.11 33.65 4.05
N PRO D 246 -3.31 32.32 3.98
CA PRO D 246 -4.64 31.75 3.79
C PRO D 246 -5.61 32.10 4.92
N SER D 247 -6.90 31.89 4.68
CA SER D 247 -7.94 32.17 5.66
C SER D 247 -7.87 31.16 6.80
N SER D 248 -8.42 31.53 7.95
CA SER D 248 -8.42 30.62 9.09
C SER D 248 -9.14 29.33 8.72
N GLU D 249 -10.16 29.46 7.87
CA GLU D 249 -10.93 28.30 7.45
C GLU D 249 -10.03 27.36 6.64
N ALA D 250 -9.17 27.94 5.81
CA ALA D 250 -8.24 27.17 4.99
C ALA D 250 -7.29 26.43 5.92
N TYR D 251 -6.72 27.14 6.90
CA TYR D 251 -5.80 26.54 7.86
C TYR D 251 -6.46 25.39 8.61
N GLY D 252 -7.71 25.60 9.01
CA GLY D 252 -8.43 24.55 9.75
C GLY D 252 -8.50 23.26 8.95
N LYS D 253 -8.59 23.38 7.64
CA LYS D 253 -8.67 22.22 6.76
C LYS D 253 -7.34 21.52 6.55
N PHE D 254 -6.25 22.28 6.62
CA PHE D 254 -4.91 21.74 6.40
C PHE D 254 -4.13 21.56 7.70
N SER D 255 -4.77 21.89 8.81
CA SER D 255 -4.16 21.81 10.14
C SER D 255 -3.38 20.54 10.44
N LYS D 256 -3.93 19.40 10.06
CA LYS D 256 -3.29 18.10 10.33
C LYS D 256 -1.97 17.92 9.58
N ASN D 257 -1.76 18.71 8.54
CA ASN D 257 -0.54 18.59 7.75
C ASN D 257 0.51 19.65 8.08
N ILE D 258 0.28 20.41 9.15
CA ILE D 258 1.22 21.46 9.55
C ILE D 258 1.75 21.26 10.97
C1 MPD E . 38.73 13.12 4.64
C2 MPD E . 39.13 11.66 4.79
O2 MPD E . 38.11 10.92 4.11
CM MPD E . 40.46 11.40 4.18
C3 MPD E . 39.12 11.21 6.27
C4 MPD E . 39.31 9.72 6.55
O4 MPD E . 40.67 9.41 6.76
C5 MPD E . 38.56 9.32 7.82
C5A CSF F . -18.87 -21.93 14.37
C4A CSF F . -19.96 -22.38 13.39
C2A CSF F . -18.14 -22.27 11.49
O6A CSF F . -17.20 -22.46 12.58
C6A CSF F . -17.57 -22.68 13.97
C3A CSF F . -19.62 -22.05 11.88
O4A CSF F . -21.15 -21.67 13.78
N5A CSF F . -19.11 -22.20 15.73
C7A CSF F . -16.23 -22.33 14.63
C8A CSF F . -14.97 -23.02 14.24
C9A CSF F . -13.75 -22.77 15.15
O9A CSF F . -12.59 -23.28 14.57
O8A CSF F . -15.09 -24.45 14.23
O7A CSF F . -16.05 -20.88 14.49
C1A CSF F . -17.73 -22.03 10.11
OBA CSF F . -18.63 -22.12 9.10
OAA CSF F . -16.59 -21.74 9.92
O1A CSF F . -18.34 -23.74 11.24
O2A CSF F . -19.05 -25.62 12.99
N1 CSF F . -21.81 -28.02 9.17
C2 CSF F . -23.22 -28.08 8.78
N3 CSF F . -24.15 -28.63 9.77
C4 CSF F . -23.73 -29.08 11.03
C5 CSF F . -22.27 -29.02 11.44
C6 CSF F . -21.39 -28.50 10.49
C3' CSF F . -19.70 -25.35 8.50
C2' CSF F . -20.86 -25.97 7.79
C1' CSF F . -20.80 -27.46 8.13
O4' CSF F . -19.44 -27.72 8.55
C4' CSF F . -18.67 -26.50 8.49
PA CSF F . -18.19 -25.30 11.82
O5' CSF F . -18.46 -26.55 10.91
C5' CSF F . -17.76 -26.49 9.64
O3' CSF F . -19.14 -24.26 7.76
O2' CSF F . -20.76 -25.87 6.36
N4 CSF F . -24.61 -29.55 11.86
O2 CSF F . -23.64 -27.68 7.63
O3A CSF F . -16.88 -25.55 12.24
C10 CSF F . -18.79 -21.46 16.82
O10 CSF F . -18.20 -20.37 16.70
C11 CSF F . -19.17 -21.99 18.17
F3A CSF F . -19.65 -20.69 11.71
C5A CSF G . 24.31 -11.60 20.28
C4A CSF G . 24.69 -13.02 19.86
C2A CSF G . 24.35 -12.24 17.36
O6A CSF G . 24.70 -10.94 17.88
C6A CSF G . 25.06 -10.65 19.27
C3A CSF G . 24.28 -13.41 18.39
O4A CSF G . 24.02 -13.90 20.81
N5A CSF G . 24.70 -11.20 21.59
C7A CSF G . 24.83 -9.14 19.24
C8A CSF G . 25.55 -8.26 18.23
C9A CSF G . 25.53 -6.76 18.49
O9A CSF G . 25.85 -6.03 17.33
O8A CSF G . 26.95 -8.56 18.11
O7A CSF G . 23.38 -8.93 19.10
C1A CSF G . 23.96 -12.48 15.97
OBA CSF G . 23.80 -13.75 15.52
OAA CSF G . 23.77 -11.55 15.27
O1A CSF G . 25.76 -12.58 17.04
O2A CSF G . 27.96 -12.29 18.49
N1 CSF G . 29.45 -16.96 16.59
C2 CSF G . 29.50 -18.36 17.02
N3 CSF G . 30.29 -18.64 18.24
C4 CSF G . 30.96 -17.62 18.96
C5 CSF G . 30.90 -16.17 18.52
C6 CSF G . 30.15 -15.92 17.36
C3' CSF G . 26.66 -15.24 15.21
C2' CSF G . 27.12 -16.66 15.35
C1' CSF G . 28.64 -16.64 15.30
O4' CSF G . 29.02 -15.34 14.78
C4' CSF G . 27.85 -14.55 14.49
PA CSF G . 27.36 -12.22 17.13
O5' CSF G . 28.42 -13.05 16.32
C5' CSF G . 28.12 -13.18 14.92
O3' CSF G . 25.53 -15.12 14.34
O2' CSF G . 26.70 -17.50 14.24
N4 CSF G . 31.63 -17.95 20.03
O2 CSF G . 28.92 -19.31 16.39
O3A CSF G . 27.62 -10.93 16.68
C10 CSF G . 24.00 -10.43 22.47
O10 CSF G . 22.89 -9.96 22.20
C11 CSF G . 24.64 -10.16 23.82
F3A CSF G . 22.94 -13.64 18.33
C5A CSF H . -26.93 18.58 -0.30
C4A CSF H . -26.93 19.54 -1.48
C2A CSF H . -25.63 17.68 -2.85
O6A CSF H . -26.30 16.79 -1.94
C6A CSF H . -27.26 17.18 -0.92
C3A CSF H . -25.87 19.22 -2.61
O4A CSF H . -26.65 20.84 -0.92
N5A CSF H . -27.90 18.84 0.72
C7A CSF H . -27.25 15.88 -0.10
C8A CSF H . -27.64 14.58 -0.75
C9A CSF H . -27.99 13.44 0.21
O9A CSF H . -27.84 12.19 -0.41
O8A CSF H . -28.81 14.68 -1.59
O7A CSF H . -25.90 15.75 0.49
C1A CSF H . -24.65 17.27 -3.87
OBA CSF H . -24.06 18.19 -4.69
OAA CSF H . -24.40 16.11 -3.96
O1A CSF H . -26.72 17.55 -3.86
O2A CSF H . -29.36 17.64 -3.33
N1 CSF H . -29.38 20.83 -8.02
C2 CSF H . -29.28 22.21 -8.52
N3 CSF H . -30.30 23.15 -8.04
C4 CSF H . -31.32 22.77 -7.15
C5 CSF H . -31.42 21.35 -6.63
C6 CSF H . -30.45 20.47 -7.09
C3' CSF H . -26.69 18.84 -7.05
C2' CSF H . -26.88 19.96 -8.04
C1' CSF H . -28.32 19.81 -8.53
O4' CSF H . -28.72 18.45 -8.22
C4' CSF H . -27.60 17.75 -7.63
PA CSF H . -28.30 17.74 -4.34
O5' CSF H . -28.91 16.89 -5.51
C5' CSF H . -28.08 16.66 -6.72
O3' CSF H . -25.36 18.33 -7.03
O2' CSF H . -26.05 19.83 -9.22
N4 CSF H . -32.19 23.66 -6.76
O2 CSF H . -28.36 22.60 -9.35
O3A CSF H . -28.50 19.02 -4.81
C10 CSF H . -27.81 18.69 2.06
O10 CSF H . -26.77 18.27 2.60
C11 CSF H . -29.01 19.04 2.90
F3A CSF H . -24.62 19.55 -2.16
C5A CSF I . 16.38 29.53 5.17
C4A CSF I . 17.74 29.64 4.48
C2A CSF I . 16.66 28.42 2.39
O6A CSF I . 15.43 28.98 2.91
C6A CSF I . 15.32 29.87 4.07
C3A CSF I . 17.96 28.67 3.25
O4A CSF I . 18.71 29.33 5.51
N5A CSF I . 16.17 30.41 6.26
C7A CSF I . 13.80 29.76 4.32
C8A CSF I . 12.80 30.04 3.22
C9A CSF I . 11.37 30.37 3.68
O9A CSF I . 10.43 29.95 2.72
O8A CSF I . 13.15 31.17 2.40
O7A CSF I . 13.55 28.42 4.86
C1A CSF I . 16.77 27.52 1.23
OBA CSF I . 17.83 27.57 0.39
OAA CSF I . 15.87 26.74 1.07
O1A CSF I . 16.92 29.61 1.54
O2A CSF I . 15.74 31.93 1.21
N1 CSF I . 20.76 33.71 -0.60
C2 CSF I . 22.04 34.36 -0.23
N3 CSF I . 21.94 35.62 0.52
C4 CSF I . 20.71 36.20 0.88
C5 CSF I . 19.38 35.54 0.50
C6 CSF I . 19.49 34.33 -0.21
C3' CSF I . 20.01 30.38 -0.34
C2' CSF I . 21.29 31.14 -0.62
C1' CSF I . 20.86 32.36 -1.39
O4' CSF I . 19.58 32.01 -2.01
C4' CSF I . 19.24 30.65 -1.64
PA CSF I . 16.27 30.73 0.52
O5' CSF I . 17.11 31.43 -0.63
C5' CSF I . 17.77 30.54 -1.56
O3' CSF I . 20.22 28.97 -0.24
O2' CSF I . 22.20 30.45 -1.49
N4 CSF I . 20.72 37.33 1.54
O2 CSF I . 23.19 33.88 -0.53
O3A CSF I . 15.20 30.21 -0.18
C10 CSF I . 15.56 30.17 7.45
O10 CSF I . 15.08 29.06 7.73
C11 CSF I . 15.48 31.31 8.43
F3A CSF I . 18.12 27.39 3.72
#